data_9E08
#
_entry.id   9E08
#
_cell.length_a   1.00
_cell.length_b   1.00
_cell.length_c   1.00
_cell.angle_alpha   90.00
_cell.angle_beta   90.00
_cell.angle_gamma   90.00
#
_symmetry.space_group_name_H-M   'P 1'
#
_entity_poly.entity_id   1
_entity_poly.type   'polypeptide(L)'
_entity_poly.pdbx_seq_one_letter_code
;SMDRRRFIKGSMAMAAVCGTSGIASLFSQAAFAADSDIADGQTQRFDFSILQSMAHDLAQTAWRGAPRPLPDTLATMTPQ
AYNSIQYDAEKSLWHNVENRQLDAQFFHMGMGFRRRVRMFSVDPATHLAREIHFRPELFKYNDAGVDTKQLEGQSDLGFA
GFRVFKAPELARRDVVSFLGASYFRAVDDTYQYGLSARGLAIDTYTDSKEEFPDFTAFWFDTVKPGATTFTVYALLDSAS
ITGAYKFTIHCEKSQVIMDVENHLYARKDIKQLGIAPMTSMFSCGTNERRMCDTIHPQIHDSDRLSMWRGNGEWICRPLN
NPQKLQFNAYTDNNPKGFGLLQLDRDFSHYQDIMGWYNKRPSLWVEPRNKWGKGTIGLMEIPTTGETLDNIVCFWQPEKA
VKAGDEFAFQYRLYWSAQPPVHCPLARVMATRTGMGGFSEGWAPGEHYPEKWARRFAVDFVGGDLKAAAPKGIEPVITLS
SGEAKQIEILYIEPIDGYRIQFDWYPTSDSTDPVDMRMYLRCQGDAISETWLYQYFPPAPDKRQYVDDRVMS
;
_entity_poly.pdbx_strand_id   A,B
#
# COMPACT_ATOMS: atom_id res chain seq x y z
N ASP A 37 -45.07 25.08 0.46
CA ASP A 37 -46.37 24.51 0.11
C ASP A 37 -46.71 23.33 1.01
N ILE A 38 -45.66 22.64 1.50
CA ILE A 38 -45.85 21.48 2.38
C ILE A 38 -45.98 21.89 3.85
N ALA A 39 -45.80 23.16 4.18
CA ALA A 39 -45.95 23.64 5.53
C ALA A 39 -47.41 24.04 5.75
N ASP A 40 -48.11 23.30 6.62
CA ASP A 40 -49.53 23.52 6.87
C ASP A 40 -49.81 23.84 8.34
N GLY A 41 -48.78 24.01 9.16
CA GLY A 41 -48.99 24.30 10.56
C GLY A 41 -49.38 25.73 10.82
N GLN A 42 -49.69 26.01 12.09
CA GLN A 42 -50.07 27.35 12.48
C GLN A 42 -48.88 28.30 12.38
N THR A 43 -49.17 29.55 12.03
CA THR A 43 -48.14 30.57 11.88
C THR A 43 -47.73 31.08 13.26
N GLN A 44 -46.42 31.01 13.55
CA GLN A 44 -45.88 31.46 14.81
C GLN A 44 -44.59 32.23 14.55
N ARG A 45 -44.38 33.30 15.32
CA ARG A 45 -43.16 34.08 15.18
C ARG A 45 -41.95 33.29 15.64
N PHE A 46 -40.88 33.36 14.87
CA PHE A 46 -39.66 32.62 15.17
C PHE A 46 -38.44 33.49 14.92
N ASP A 47 -37.45 33.38 15.80
CA ASP A 47 -36.19 34.09 15.65
C ASP A 47 -35.13 33.32 16.45
N PHE A 48 -33.86 33.71 16.25
CA PHE A 48 -32.79 33.11 17.04
C PHE A 48 -32.95 33.41 18.53
N SER A 49 -33.37 34.63 18.86
CA SER A 49 -33.66 34.96 20.25
C SER A 49 -34.85 34.14 20.76
N ILE A 50 -35.87 33.95 19.92
CA ILE A 50 -37.01 33.13 20.31
C ILE A 50 -36.57 31.69 20.52
N LEU A 51 -35.71 31.18 19.64
CA LEU A 51 -35.21 29.81 19.80
C LEU A 51 -34.40 29.67 21.08
N GLN A 52 -33.60 30.67 21.42
CA GLN A 52 -32.86 30.63 22.67
C GLN A 52 -33.80 30.66 23.88
N SER A 53 -34.95 31.32 23.74
CA SER A 53 -35.91 31.39 24.84
C SER A 53 -36.48 30.01 25.16
N MET A 54 -36.89 29.26 24.13
CA MET A 54 -37.46 27.94 24.39
C MET A 54 -36.41 26.95 24.86
N ALA A 55 -35.17 27.09 24.39
CA ALA A 55 -34.09 26.27 24.90
C ALA A 55 -33.84 26.54 26.37
N HIS A 56 -33.89 27.82 26.78
CA HIS A 56 -33.77 28.16 28.19
C HIS A 56 -34.94 27.63 28.99
N ASP A 57 -36.16 27.75 28.45
CA ASP A 57 -37.33 27.20 29.13
C ASP A 57 -37.28 25.68 29.22
N LEU A 58 -36.79 25.03 28.16
CA LEU A 58 -36.66 23.58 28.19
C LEU A 58 -35.67 23.13 29.27
N ALA A 59 -34.57 23.86 29.44
CA ALA A 59 -33.60 23.52 30.47
C ALA A 59 -34.19 23.74 31.86
N GLN A 60 -35.06 24.74 32.01
CA GLN A 60 -35.66 25.03 33.31
C GLN A 60 -36.66 23.96 33.73
N THR A 61 -37.13 23.14 32.80
CA THR A 61 -38.11 22.10 33.09
C THR A 61 -37.47 20.72 32.96
N ALA A 62 -38.23 19.71 33.38
CA ALA A 62 -37.74 18.35 33.36
C ALA A 62 -37.63 17.83 31.93
N TRP A 63 -36.78 16.82 31.76
CA TRP A 63 -36.57 16.22 30.44
C TRP A 63 -37.82 15.49 29.98
N ARG A 64 -38.03 15.51 28.66
CA ARG A 64 -39.19 14.81 28.09
C ARG A 64 -39.09 13.30 28.32
N GLY A 65 -37.91 12.74 28.18
CA GLY A 65 -37.68 11.33 28.41
C GLY A 65 -37.38 10.59 27.12
N ALA A 66 -37.31 9.27 27.25
CA ALA A 66 -37.07 8.42 26.09
C ALA A 66 -38.24 8.52 25.11
N PRO A 67 -37.98 8.40 23.81
CA PRO A 67 -39.07 8.50 22.83
C PRO A 67 -40.12 7.43 23.04
N ARG A 68 -41.39 7.81 22.85
CA ARG A 68 -42.48 6.88 22.98
C ARG A 68 -42.46 5.89 21.82
N PRO A 69 -43.03 4.70 22.01
CA PRO A 69 -43.00 3.69 20.94
C PRO A 69 -43.69 4.17 19.67
N LEU A 70 -43.11 3.81 18.54
CA LEU A 70 -43.65 4.15 17.24
C LEU A 70 -44.86 3.27 16.93
N PRO A 71 -45.67 3.64 15.94
CA PRO A 71 -46.76 2.76 15.52
C PRO A 71 -46.25 1.39 15.12
N ASP A 72 -47.12 0.39 15.25
CA ASP A 72 -46.71 -1.00 15.09
C ASP A 72 -46.12 -1.26 13.71
N THR A 73 -46.61 -0.56 12.69
CA THR A 73 -46.07 -0.74 11.35
C THR A 73 -44.61 -0.33 11.28
N LEU A 74 -44.28 0.84 11.84
CA LEU A 74 -42.89 1.30 11.84
C LEU A 74 -42.04 0.61 12.88
N ALA A 75 -42.62 0.25 14.03
CA ALA A 75 -41.84 -0.37 15.10
C ALA A 75 -41.32 -1.73 14.68
N THR A 76 -42.15 -2.54 14.02
CA THR A 76 -41.77 -3.87 13.56
C THR A 76 -41.72 -3.83 12.03
N MET A 77 -40.56 -3.45 11.50
CA MET A 77 -40.38 -3.37 10.06
C MET A 77 -39.02 -3.93 9.67
N THR A 78 -38.96 -4.51 8.48
CA THR A 78 -37.71 -5.07 7.98
C THR A 78 -36.77 -3.94 7.57
N PRO A 79 -35.45 -4.11 7.76
CA PRO A 79 -34.51 -3.11 7.25
C PRO A 79 -34.64 -2.87 5.75
N GLN A 80 -34.95 -3.92 4.98
CA GLN A 80 -35.19 -3.75 3.56
C GLN A 80 -36.47 -2.97 3.30
N ALA A 81 -37.48 -3.16 4.16
CA ALA A 81 -38.73 -2.42 4.00
C ALA A 81 -38.52 -0.93 4.22
N TYR A 82 -37.69 -0.56 5.21
CA TYR A 82 -37.44 0.85 5.47
C TYR A 82 -36.72 1.51 4.30
N ASN A 83 -35.76 0.80 3.69
CA ASN A 83 -35.02 1.36 2.58
C ASN A 83 -35.89 1.55 1.34
N SER A 84 -37.05 0.89 1.29
CA SER A 84 -37.97 1.05 0.16
C SER A 84 -38.81 2.31 0.25
N ILE A 85 -38.79 3.01 1.38
CA ILE A 85 -39.56 4.24 1.54
C ILE A 85 -38.75 5.39 0.94
N GLN A 86 -39.31 6.04 -0.08
CA GLN A 86 -38.64 7.13 -0.78
C GLN A 86 -39.47 8.41 -0.61
N TYR A 87 -38.80 9.49 -0.25
CA TYR A 87 -39.47 10.78 -0.15
C TYR A 87 -39.88 11.28 -1.53
N ASP A 88 -40.99 12.02 -1.57
CA ASP A 88 -41.53 12.54 -2.82
C ASP A 88 -40.78 13.80 -3.22
N ALA A 89 -40.05 13.74 -4.34
CA ALA A 89 -39.31 14.90 -4.80
C ALA A 89 -40.25 16.03 -5.22
N GLU A 90 -41.47 15.70 -5.64
CA GLU A 90 -42.44 16.73 -5.98
C GLU A 90 -42.90 17.49 -4.74
N LYS A 91 -42.90 16.84 -3.58
CA LYS A 91 -43.30 17.46 -2.33
C LYS A 91 -42.10 17.87 -1.48
N SER A 92 -40.93 18.06 -2.11
CA SER A 92 -39.75 18.45 -1.37
C SER A 92 -39.85 19.90 -0.91
N LEU A 93 -39.05 20.23 0.10
CA LEU A 93 -39.00 21.59 0.60
C LEU A 93 -38.44 22.53 -0.46
N TRP A 94 -38.93 23.77 -0.46
CA TRP A 94 -38.54 24.80 -1.41
C TRP A 94 -38.85 24.40 -2.85
N HIS A 95 -39.87 23.57 -3.05
CA HIS A 95 -40.24 23.17 -4.39
C HIS A 95 -40.89 24.30 -5.19
N ASN A 96 -41.46 25.29 -4.50
CA ASN A 96 -42.09 26.42 -5.16
C ASN A 96 -41.16 27.60 -5.34
N VAL A 97 -39.90 27.46 -4.97
CA VAL A 97 -38.91 28.53 -5.13
C VAL A 97 -38.34 28.43 -6.54
N GLU A 98 -38.64 29.42 -7.37
CA GLU A 98 -38.17 29.42 -8.75
C GLU A 98 -36.67 29.74 -8.79
N ASN A 99 -35.98 29.14 -9.76
CA ASN A 99 -34.54 29.30 -9.95
C ASN A 99 -33.81 29.03 -8.64
N ARG A 100 -33.92 27.78 -8.18
CA ARG A 100 -33.35 27.35 -6.92
C ARG A 100 -32.16 26.45 -7.15
N GLN A 101 -31.12 26.63 -6.34
CA GLN A 101 -29.93 25.79 -6.38
C GLN A 101 -29.90 24.74 -5.29
N LEU A 102 -30.94 24.68 -4.44
CA LEU A 102 -30.97 23.75 -3.33
C LEU A 102 -32.35 23.13 -3.22
N ASP A 103 -32.39 21.91 -2.67
CA ASP A 103 -33.63 21.21 -2.39
C ASP A 103 -33.44 20.37 -1.13
N ALA A 104 -34.49 20.28 -0.32
CA ALA A 104 -34.44 19.56 0.94
C ALA A 104 -35.49 18.45 0.93
N GLN A 105 -35.07 17.25 1.31
CA GLN A 105 -35.96 16.11 1.44
C GLN A 105 -35.80 15.52 2.84
N PHE A 106 -36.93 15.15 3.44
CA PHE A 106 -36.94 14.65 4.81
C PHE A 106 -36.79 13.13 4.83
N PHE A 107 -36.48 12.60 6.01
CA PHE A 107 -36.38 11.17 6.23
C PHE A 107 -37.65 10.66 6.89
N HIS A 108 -37.69 9.36 7.16
CA HIS A 108 -38.87 8.70 7.71
C HIS A 108 -38.55 8.05 9.05
N MET A 109 -39.57 7.98 9.89
CA MET A 109 -39.43 7.32 11.19
C MET A 109 -39.18 5.83 10.99
N GLY A 110 -38.35 5.25 11.84
CA GLY A 110 -38.06 3.83 11.77
C GLY A 110 -36.63 3.49 12.12
N MET A 111 -36.37 2.19 12.30
CA MET A 111 -35.04 1.65 12.64
C MET A 111 -34.59 2.30 13.95
N GLY A 112 -33.33 2.71 14.07
CA GLY A 112 -32.84 3.35 15.27
C GLY A 112 -33.31 4.77 15.47
N PHE A 113 -33.95 5.36 14.46
CA PHE A 113 -34.49 6.71 14.55
C PHE A 113 -35.87 6.61 15.18
N ARG A 114 -35.90 6.72 16.51
CA ARG A 114 -37.14 6.67 17.27
C ARG A 114 -37.57 8.03 17.80
N ARG A 115 -36.71 9.04 17.72
CA ARG A 115 -37.03 10.38 18.22
C ARG A 115 -37.70 11.18 17.11
N ARG A 116 -38.92 11.64 17.37
CA ARG A 116 -39.64 12.45 16.40
C ARG A 116 -39.05 13.85 16.34
N VAL A 117 -38.77 14.32 15.13
CA VAL A 117 -38.20 15.65 14.90
C VAL A 117 -39.21 16.47 14.12
N ARG A 118 -39.50 17.67 14.60
CA ARG A 118 -40.46 18.55 13.97
C ARG A 118 -39.74 19.52 13.03
N MET A 119 -40.24 19.65 11.81
CA MET A 119 -39.67 20.55 10.82
C MET A 119 -40.57 21.75 10.65
N PHE A 120 -39.97 22.93 10.51
CA PHE A 120 -40.68 24.17 10.33
C PHE A 120 -40.09 24.92 9.15
N SER A 121 -40.94 25.70 8.48
CA SER A 121 -40.52 26.58 7.40
C SER A 121 -40.75 28.02 7.84
N VAL A 122 -39.70 28.82 7.83
CA VAL A 122 -39.74 30.20 8.30
C VAL A 122 -39.35 31.12 7.16
N ASP A 123 -40.18 32.13 6.90
CA ASP A 123 -39.88 33.12 5.88
C ASP A 123 -38.80 34.06 6.37
N PRO A 124 -37.69 34.21 5.66
CA PRO A 124 -36.66 35.17 6.09
C PRO A 124 -37.14 36.60 6.19
N ALA A 125 -38.07 37.01 5.31
CA ALA A 125 -38.55 38.39 5.34
C ALA A 125 -39.44 38.64 6.55
N THR A 126 -40.55 37.91 6.65
CA THR A 126 -41.44 37.98 7.80
C THR A 126 -41.18 36.77 8.68
N HIS A 127 -40.71 37.02 9.90
CA HIS A 127 -40.27 35.94 10.77
C HIS A 127 -41.44 35.13 11.30
N LEU A 128 -42.06 34.32 10.43
CA LEU A 128 -43.17 33.45 10.80
C LEU A 128 -42.84 32.03 10.39
N ALA A 129 -42.99 31.10 11.32
CA ALA A 129 -42.65 29.70 11.09
C ALA A 129 -43.91 28.86 11.04
N ARG A 130 -44.02 28.02 10.02
CA ARG A 130 -45.14 27.09 9.86
C ARG A 130 -44.63 25.66 9.97
N GLU A 131 -45.31 24.85 10.77
CA GLU A 131 -44.87 23.47 10.99
C GLU A 131 -45.23 22.60 9.80
N ILE A 132 -44.27 21.77 9.39
CA ILE A 132 -44.48 20.80 8.32
C ILE A 132 -44.86 19.48 9.00
N HIS A 133 -46.16 19.26 9.14
CA HIS A 133 -46.64 18.04 9.76
C HIS A 133 -46.39 16.83 8.85
N PHE A 134 -46.07 15.70 9.47
CA PHE A 134 -45.79 14.49 8.71
C PHE A 134 -47.09 13.95 8.09
N ARG A 135 -47.02 13.60 6.82
CA ARG A 135 -48.14 13.00 6.11
C ARG A 135 -47.67 11.80 5.32
N PRO A 136 -48.49 10.76 5.21
CA PRO A 136 -48.09 9.61 4.38
C PRO A 136 -47.93 9.94 2.92
N GLU A 137 -48.55 11.01 2.43
CA GLU A 137 -48.43 11.39 1.02
C GLU A 137 -47.06 11.98 0.69
N LEU A 138 -46.26 12.32 1.70
CA LEU A 138 -44.92 12.84 1.45
C LEU A 138 -43.92 11.77 1.08
N PHE A 139 -44.29 10.49 1.19
CA PHE A 139 -43.39 9.37 0.90
C PHE A 139 -44.07 8.38 -0.02
N LYS A 140 -43.26 7.67 -0.79
CA LYS A 140 -43.72 6.52 -1.59
C LYS A 140 -43.12 5.27 -0.96
N TYR A 141 -43.98 4.46 -0.33
CA TYR A 141 -43.49 3.31 0.40
C TYR A 141 -43.05 2.17 -0.52
N ASN A 142 -43.68 2.05 -1.69
CA ASN A 142 -43.30 1.05 -2.68
C ASN A 142 -43.34 -0.37 -2.10
N ASP A 143 -42.16 -0.98 -1.98
CA ASP A 143 -42.05 -2.35 -1.46
C ASP A 143 -41.91 -2.36 0.06
N ALA A 144 -42.84 -1.70 0.74
CA ALA A 144 -42.83 -1.61 2.20
C ALA A 144 -44.13 -2.19 2.74
N GLY A 145 -44.02 -3.00 3.79
CA GLY A 145 -45.19 -3.57 4.43
C GLY A 145 -45.84 -2.65 5.42
N VAL A 146 -46.03 -1.39 5.04
CA VAL A 146 -46.65 -0.38 5.89
C VAL A 146 -48.11 -0.29 5.53
N ASP A 147 -48.98 -0.38 6.53
CA ASP A 147 -50.43 -0.34 6.29
C ASP A 147 -50.86 1.01 5.76
N THR A 148 -50.19 2.09 6.17
CA THR A 148 -50.41 3.48 5.76
C THR A 148 -51.70 4.03 6.38
N LYS A 149 -52.55 3.19 6.96
CA LYS A 149 -53.74 3.65 7.65
C LYS A 149 -53.45 4.04 9.10
N GLN A 150 -52.43 3.43 9.70
CA GLN A 150 -52.03 3.81 11.05
C GLN A 150 -51.28 5.14 11.08
N LEU A 151 -50.76 5.58 9.94
CA LEU A 151 -50.03 6.84 9.84
C LEU A 151 -50.91 7.98 9.34
N GLU A 152 -52.21 7.74 9.18
CA GLU A 152 -53.10 8.79 8.70
C GLU A 152 -53.23 9.92 9.72
N GLY A 153 -53.73 9.60 10.91
CA GLY A 153 -53.85 10.58 11.97
C GLY A 153 -52.64 10.61 12.88
N GLN A 154 -51.47 10.83 12.30
CA GLN A 154 -50.20 10.79 13.02
C GLN A 154 -49.43 12.09 12.79
N SER A 155 -50.11 13.22 12.95
CA SER A 155 -49.45 14.52 12.79
C SER A 155 -48.38 14.73 13.84
N ASP A 156 -48.54 14.12 15.02
CA ASP A 156 -47.52 14.24 16.06
C ASP A 156 -46.21 13.57 15.64
N LEU A 157 -46.28 12.54 14.80
CA LEU A 157 -45.08 11.90 14.29
C LEU A 157 -44.30 12.89 13.42
N GLY A 158 -42.98 12.76 13.46
CA GLY A 158 -42.12 13.67 12.72
C GLY A 158 -41.29 13.00 11.67
N PHE A 159 -40.02 13.38 11.59
CA PHE A 159 -39.10 12.84 10.59
C PHE A 159 -37.78 12.50 11.29
N ALA A 160 -37.02 11.60 10.66
CA ALA A 160 -35.71 11.23 11.18
C ALA A 160 -34.63 12.25 10.85
N GLY A 161 -34.90 13.18 9.94
CA GLY A 161 -33.90 14.16 9.56
C GLY A 161 -34.21 14.72 8.18
N PHE A 162 -33.17 15.28 7.56
CA PHE A 162 -33.32 15.86 6.23
C PHE A 162 -31.99 15.80 5.49
N ARG A 163 -32.07 15.90 4.17
CA ARG A 163 -30.90 15.98 3.30
C ARG A 163 -31.10 17.10 2.30
N VAL A 164 -29.99 17.71 1.88
CA VAL A 164 -30.00 18.88 1.00
C VAL A 164 -29.23 18.54 -0.26
N PHE A 165 -29.84 18.84 -1.41
CA PHE A 165 -29.25 18.58 -2.71
C PHE A 165 -28.80 19.88 -3.37
N LYS A 166 -27.89 19.76 -4.33
CA LYS A 166 -27.32 20.91 -5.02
C LYS A 166 -28.01 21.09 -6.38
N ALA A 167 -27.63 22.17 -7.06
CA ALA A 167 -28.34 22.59 -8.27
C ALA A 167 -28.29 21.57 -9.40
N PRO A 168 -27.13 21.04 -9.81
CA PRO A 168 -27.12 20.15 -10.98
C PRO A 168 -27.97 18.89 -10.78
N GLU A 169 -28.00 18.34 -9.57
CA GLU A 169 -28.80 17.15 -9.26
C GLU A 169 -29.60 17.48 -7.99
N LEU A 170 -30.82 17.94 -8.18
CA LEU A 170 -31.65 18.40 -7.06
C LEU A 170 -32.39 17.27 -6.35
N ALA A 171 -32.37 16.06 -6.88
CA ALA A 171 -33.09 14.96 -6.25
C ALA A 171 -32.36 13.63 -6.28
N ARG A 172 -31.05 13.61 -6.59
CA ARG A 172 -30.32 12.37 -6.73
C ARG A 172 -29.28 12.16 -5.64
N ARG A 173 -28.35 13.09 -5.47
CA ARG A 173 -27.29 12.98 -4.48
C ARG A 173 -27.30 14.21 -3.60
N ASP A 174 -27.28 14.00 -2.28
CA ASP A 174 -27.33 15.09 -1.32
C ASP A 174 -25.92 15.48 -0.89
N VAL A 175 -25.76 16.78 -0.61
CA VAL A 175 -24.46 17.31 -0.22
C VAL A 175 -24.40 17.46 1.29
N VAL A 176 -25.54 17.74 1.91
CA VAL A 176 -25.64 17.91 3.36
C VAL A 176 -26.74 17.00 3.88
N SER A 177 -26.44 16.23 4.92
CA SER A 177 -27.39 15.31 5.52
C SER A 177 -27.38 15.47 7.04
N PHE A 178 -28.57 15.49 7.63
CA PHE A 178 -28.75 15.58 9.08
C PHE A 178 -29.56 14.37 9.50
N LEU A 179 -28.89 13.25 9.77
CA LEU A 179 -29.55 12.01 10.13
C LEU A 179 -28.97 11.50 11.45
N GLY A 180 -29.85 11.09 12.36
CA GLY A 180 -29.43 10.56 13.64
C GLY A 180 -29.80 11.43 14.81
N ALA A 181 -29.18 11.17 15.97
CA ALA A 181 -29.45 11.98 17.16
C ALA A 181 -29.05 13.44 16.92
N SER A 182 -27.76 13.67 16.72
CA SER A 182 -27.27 15.00 16.38
C SER A 182 -26.24 14.96 15.25
N TYR A 183 -26.01 13.81 14.64
CA TYR A 183 -25.02 13.69 13.59
C TYR A 183 -25.44 14.44 12.34
N PHE A 184 -24.49 15.12 11.72
CA PHE A 184 -24.70 15.76 10.43
C PHE A 184 -23.43 15.60 9.60
N ARG A 185 -23.59 15.30 8.32
CA ARG A 185 -22.47 15.07 7.43
C ARG A 185 -22.60 15.95 6.19
N ALA A 186 -21.46 16.34 5.64
CA ALA A 186 -21.41 17.10 4.40
C ALA A 186 -20.29 16.53 3.53
N VAL A 187 -20.36 16.84 2.23
CA VAL A 187 -19.44 16.28 1.26
C VAL A 187 -18.75 17.39 0.48
N ASP A 188 -17.62 17.05 -0.12
CA ASP A 188 -16.89 17.94 -0.99
C ASP A 188 -17.38 17.73 -2.43
N ASP A 189 -16.63 18.26 -3.40
CA ASP A 189 -17.00 18.11 -4.81
C ASP A 189 -16.91 16.66 -5.29
N THR A 190 -16.28 15.77 -4.53
CA THR A 190 -16.26 14.35 -4.86
C THR A 190 -17.42 13.58 -4.26
N TYR A 191 -18.29 14.26 -3.50
CA TYR A 191 -19.43 13.63 -2.80
C TYR A 191 -18.84 12.58 -1.86
N GLN A 192 -19.37 11.36 -1.81
CA GLN A 192 -18.79 10.26 -1.04
C GLN A 192 -18.72 10.62 0.45
N TYR A 193 -19.90 10.71 1.06
CA TYR A 193 -20.05 10.94 2.49
C TYR A 193 -19.03 10.15 3.29
N GLY A 194 -18.30 10.84 4.17
CA GLY A 194 -17.28 10.21 4.97
C GLY A 194 -17.54 10.32 6.46
N LEU A 195 -16.69 11.06 7.16
CA LEU A 195 -16.83 11.23 8.59
C LEU A 195 -18.03 12.12 8.91
N SER A 196 -18.54 11.99 10.13
CA SER A 196 -19.71 12.71 10.58
C SER A 196 -19.35 13.62 11.75
N ALA A 197 -20.18 14.64 11.97
CA ALA A 197 -20.04 15.55 13.09
C ALA A 197 -21.37 15.68 13.81
N ARG A 198 -21.31 15.83 15.12
CA ARG A 198 -22.50 15.99 15.94
C ARG A 198 -22.55 17.41 16.50
N GLY A 199 -23.74 17.78 17.01
CA GLY A 199 -23.90 19.09 17.62
C GLY A 199 -23.33 19.17 19.02
N LEU A 200 -23.28 18.06 19.75
CA LEU A 200 -22.75 18.05 21.10
C LEU A 200 -22.35 16.62 21.46
N ALA A 201 -21.48 16.51 22.48
CA ALA A 201 -21.07 15.23 23.01
C ALA A 201 -21.06 15.33 24.53
N ILE A 202 -21.70 14.36 25.19
CA ILE A 202 -21.82 14.35 26.65
C ILE A 202 -21.23 13.05 27.17
N ASP A 203 -20.30 13.17 28.12
CA ASP A 203 -19.69 12.02 28.80
C ASP A 203 -19.10 11.03 27.81
N THR A 204 -18.30 11.55 26.87
CA THR A 204 -17.72 10.71 25.83
C THR A 204 -16.79 9.65 26.43
N TYR A 205 -15.97 10.03 27.41
CA TYR A 205 -15.06 9.11 28.07
C TYR A 205 -15.13 9.39 29.57
N THR A 206 -16.03 8.68 30.25
CA THR A 206 -16.18 8.81 31.69
C THR A 206 -16.67 7.47 32.23
N ASP A 207 -16.72 7.37 33.56
CA ASP A 207 -17.20 6.13 34.19
C ASP A 207 -18.68 5.89 33.89
N SER A 208 -19.44 6.94 33.60
CA SER A 208 -20.84 6.80 33.28
C SER A 208 -21.01 6.44 31.80
N LYS A 209 -22.25 6.16 31.41
CA LYS A 209 -22.55 5.78 30.04
C LYS A 209 -22.68 7.02 29.15
N GLU A 210 -22.60 6.78 27.84
CA GLU A 210 -22.74 7.85 26.87
C GLU A 210 -24.17 8.38 26.85
N GLU A 211 -24.29 9.71 26.75
CA GLU A 211 -25.57 10.38 26.60
C GLU A 211 -25.58 11.08 25.24
N PHE A 212 -26.61 10.81 24.44
CA PHE A 212 -26.66 11.35 23.09
C PHE A 212 -27.67 12.48 23.02
N PRO A 213 -27.24 13.73 22.82
CA PRO A 213 -28.20 14.81 22.61
C PRO A 213 -28.98 14.61 21.32
N ASP A 214 -30.21 15.10 21.32
CA ASP A 214 -31.13 14.93 20.21
C ASP A 214 -31.48 16.28 19.60
N PHE A 215 -31.51 16.34 18.26
CA PHE A 215 -32.01 17.51 17.54
C PHE A 215 -33.52 17.32 17.40
N THR A 216 -34.26 17.84 18.37
CA THR A 216 -35.70 17.57 18.45
C THR A 216 -36.52 18.37 17.45
N ALA A 217 -35.97 19.44 16.89
CA ALA A 217 -36.72 20.27 15.95
C ALA A 217 -35.76 20.96 15.00
N PHE A 218 -36.31 21.38 13.85
CA PHE A 218 -35.54 22.04 12.82
C PHE A 218 -36.37 23.16 12.20
N TRP A 219 -35.77 24.34 12.06
CA TRP A 219 -36.40 25.47 11.39
C TRP A 219 -35.60 25.78 10.13
N PHE A 220 -36.27 25.78 8.99
CA PHE A 220 -35.62 25.98 7.70
C PHE A 220 -36.00 27.35 7.14
N ASP A 221 -35.00 28.20 6.94
CA ASP A 221 -35.22 29.45 6.25
C ASP A 221 -35.40 29.19 4.76
N THR A 222 -36.40 29.85 4.16
CA THR A 222 -36.65 29.66 2.73
C THR A 222 -35.46 30.13 1.92
N VAL A 223 -34.98 29.27 1.02
CA VAL A 223 -33.80 29.58 0.23
C VAL A 223 -34.13 30.63 -0.82
N LYS A 224 -33.25 31.61 -0.97
CA LYS A 224 -33.44 32.63 -1.98
C LYS A 224 -33.25 32.04 -3.37
N PRO A 225 -33.90 32.61 -4.39
CA PRO A 225 -33.70 32.13 -5.76
C PRO A 225 -32.24 32.29 -6.19
N GLY A 226 -31.67 31.21 -6.70
CA GLY A 226 -30.28 31.22 -7.11
C GLY A 226 -29.31 31.44 -5.99
N ALA A 227 -29.59 30.90 -4.80
CA ALA A 227 -28.74 31.08 -3.63
C ALA A 227 -28.01 29.78 -3.33
N THR A 228 -26.69 29.90 -3.15
CA THR A 228 -25.89 28.72 -2.81
C THR A 228 -26.08 28.33 -1.35
N THR A 229 -26.20 29.30 -0.46
CA THR A 229 -26.27 29.05 0.97
C THR A 229 -27.71 28.97 1.45
N PHE A 230 -27.88 28.35 2.62
CA PHE A 230 -29.17 28.29 3.29
C PHE A 230 -28.94 28.21 4.79
N THR A 231 -29.94 28.64 5.54
CA THR A 231 -29.87 28.71 7.00
C THR A 231 -30.91 27.79 7.61
N VAL A 232 -30.48 27.00 8.59
CA VAL A 232 -31.35 26.07 9.31
C VAL A 232 -31.11 26.23 10.80
N TYR A 233 -32.19 26.35 11.56
CA TYR A 233 -32.13 26.46 13.01
C TYR A 233 -32.50 25.13 13.64
N ALA A 234 -31.72 24.70 14.63
CA ALA A 234 -31.93 23.42 15.29
C ALA A 234 -32.07 23.62 16.80
N LEU A 235 -32.99 22.88 17.40
CA LEU A 235 -33.19 22.87 18.84
C LEU A 235 -32.65 21.55 19.38
N LEU A 236 -31.61 21.63 20.22
CA LEU A 236 -30.98 20.46 20.79
C LEU A 236 -31.53 20.19 22.19
N ASP A 237 -31.94 18.96 22.44
CA ASP A 237 -32.47 18.56 23.73
C ASP A 237 -31.79 17.28 24.19
N SER A 238 -31.50 17.21 25.49
CA SER A 238 -30.85 16.05 26.07
C SER A 238 -31.26 15.95 27.54
N ALA A 239 -30.91 14.82 28.15
CA ALA A 239 -31.28 14.59 29.55
C ALA A 239 -30.58 15.54 30.50
N SER A 240 -29.48 16.16 30.09
CA SER A 240 -28.71 17.03 30.97
C SER A 240 -28.34 18.37 30.34
N ILE A 241 -28.68 18.61 29.08
CA ILE A 241 -28.32 19.86 28.42
C ILE A 241 -29.33 20.14 27.31
N THR A 242 -29.62 21.42 27.11
CA THR A 242 -30.42 21.89 25.98
C THR A 242 -29.68 23.02 25.30
N GLY A 243 -29.88 23.15 24.00
CA GLY A 243 -29.18 24.17 23.23
C GLY A 243 -29.97 24.62 22.03
N ALA A 244 -29.64 25.83 21.57
CA ALA A 244 -30.21 26.40 20.35
C ALA A 244 -29.09 26.54 19.33
N TYR A 245 -29.26 25.90 18.18
CA TYR A 245 -28.23 25.85 17.15
C TYR A 245 -28.68 26.60 15.91
N LYS A 246 -27.76 27.36 15.32
CA LYS A 246 -28.00 28.04 14.06
C LYS A 246 -26.92 27.64 13.07
N PHE A 247 -27.33 27.10 11.93
CA PHE A 247 -26.41 26.63 10.90
C PHE A 247 -26.58 27.48 9.65
N THR A 248 -25.47 28.05 9.17
CA THR A 248 -25.43 28.77 7.90
C THR A 248 -24.51 27.98 6.99
N ILE A 249 -25.10 27.17 6.11
CA ILE A 249 -24.36 26.21 5.30
C ILE A 249 -24.21 26.77 3.90
N HIS A 250 -22.97 26.89 3.44
CA HIS A 250 -22.64 27.32 2.09
C HIS A 250 -22.15 26.12 1.30
N CYS A 251 -22.83 25.79 0.20
CA CYS A 251 -22.48 24.65 -0.63
C CYS A 251 -21.67 25.15 -1.82
N GLU A 252 -20.40 25.45 -1.56
CA GLU A 252 -19.52 25.98 -2.59
C GLU A 252 -19.19 24.90 -3.62
N LYS A 253 -18.44 25.30 -4.65
CA LYS A 253 -18.14 24.39 -5.75
C LYS A 253 -17.27 23.23 -5.29
N SER A 254 -16.28 23.49 -4.45
CA SER A 254 -15.31 22.48 -4.04
C SER A 254 -15.42 22.11 -2.57
N GLN A 255 -16.25 22.78 -1.80
CA GLN A 255 -16.34 22.52 -0.36
C GLN A 255 -17.71 22.93 0.14
N VAL A 256 -18.03 22.48 1.34
CA VAL A 256 -19.23 22.90 2.06
C VAL A 256 -18.78 23.56 3.35
N ILE A 257 -19.17 24.83 3.53
CA ILE A 257 -18.78 25.61 4.69
C ILE A 257 -20.02 25.83 5.55
N MET A 258 -19.92 25.46 6.82
CA MET A 258 -21.03 25.57 7.76
C MET A 258 -20.63 26.53 8.87
N ASP A 259 -21.43 27.57 9.08
CA ASP A 259 -21.26 28.50 10.20
C ASP A 259 -22.20 28.06 11.31
N VAL A 260 -21.62 27.64 12.43
CA VAL A 260 -22.38 27.06 13.54
C VAL A 260 -22.28 28.00 14.74
N GLU A 261 -23.42 28.44 15.24
CA GLU A 261 -23.52 29.21 16.48
C GLU A 261 -24.51 28.51 17.39
N ASN A 262 -24.09 28.23 18.62
CA ASN A 262 -24.91 27.50 19.57
C ASN A 262 -24.99 28.25 20.89
N HIS A 263 -26.06 27.95 21.64
CA HIS A 263 -26.29 28.52 22.96
C HIS A 263 -26.77 27.39 23.86
N LEU A 264 -25.84 26.80 24.61
CA LEU A 264 -26.14 25.65 25.44
C LEU A 264 -26.58 26.08 26.84
N TYR A 265 -27.61 25.42 27.34
CA TYR A 265 -28.15 25.67 28.68
C TYR A 265 -28.12 24.35 29.44
N ALA A 266 -27.25 24.26 30.45
CA ALA A 266 -27.09 23.02 31.19
C ALA A 266 -28.28 22.81 32.13
N ARG A 267 -28.87 21.61 32.06
CA ARG A 267 -29.97 21.24 32.93
C ARG A 267 -29.49 20.54 34.20
N LYS A 268 -28.44 19.72 34.08
CA LYS A 268 -27.85 19.02 35.20
C LYS A 268 -26.33 19.18 35.15
N ASP A 269 -25.67 18.71 36.19
CA ASP A 269 -24.21 18.75 36.22
C ASP A 269 -23.64 17.77 35.20
N ILE A 270 -22.74 18.25 34.37
CA ILE A 270 -22.14 17.46 33.30
C ILE A 270 -20.66 17.30 33.60
N LYS A 271 -20.20 16.06 33.72
CA LYS A 271 -18.82 15.77 34.05
C LYS A 271 -17.90 15.78 32.83
N GLN A 272 -18.44 15.73 31.62
CA GLN A 272 -17.61 15.84 30.42
C GLN A 272 -18.49 16.40 29.31
N LEU A 273 -18.06 17.51 28.71
CA LEU A 273 -18.82 18.18 27.66
C LEU A 273 -17.93 18.36 26.45
N GLY A 274 -18.46 18.03 25.28
CA GLY A 274 -17.70 18.13 24.04
C GLY A 274 -18.31 19.11 23.05
N ILE A 275 -17.52 20.10 22.63
CA ILE A 275 -17.98 21.13 21.71
C ILE A 275 -17.48 20.79 20.31
N ALA A 276 -18.39 20.81 19.34
CA ALA A 276 -18.10 20.44 17.97
C ALA A 276 -17.43 19.07 17.86
N PRO A 277 -18.09 18.00 18.32
CA PRO A 277 -17.49 16.67 18.24
C PRO A 277 -17.36 16.20 16.79
N MET A 278 -16.32 15.41 16.55
CA MET A 278 -16.06 14.83 15.24
C MET A 278 -16.02 13.31 15.38
N THR A 279 -16.80 12.62 14.56
CA THR A 279 -16.89 11.17 14.57
C THR A 279 -16.36 10.63 13.25
N SER A 280 -15.37 9.76 13.32
CA SER A 280 -14.74 9.20 12.12
C SER A 280 -14.40 7.73 12.38
N MET A 281 -13.70 7.13 11.43
CA MET A 281 -13.32 5.72 11.51
C MET A 281 -11.86 5.56 11.12
N PHE A 282 -11.17 4.68 11.82
CA PHE A 282 -9.78 4.36 11.49
C PHE A 282 -9.55 2.89 11.81
N SER A 283 -9.40 2.06 10.78
CA SER A 283 -9.14 0.64 10.93
C SER A 283 -7.69 0.28 10.63
N CYS A 284 -7.18 0.70 9.48
CA CYS A 284 -5.80 0.43 9.10
C CYS A 284 -5.29 1.57 8.23
N GLY A 285 -3.97 1.69 8.17
CA GLY A 285 -3.36 2.74 7.38
C GLY A 285 -1.87 2.73 7.54
N THR A 286 -1.24 3.83 7.12
CA THR A 286 0.20 4.02 7.28
C THR A 286 0.46 4.32 8.75
N ASN A 287 0.48 3.26 9.54
CA ASN A 287 0.65 3.32 10.99
C ASN A 287 0.92 1.89 11.47
N GLU A 288 0.86 1.67 12.78
CA GLU A 288 0.87 0.32 13.31
C GLU A 288 -0.30 -0.48 12.76
N ARG A 289 -0.02 -1.49 11.94
CA ARG A 289 -1.07 -2.28 11.29
C ARG A 289 -1.27 -3.58 12.06
N ARG A 290 -2.11 -3.50 13.10
CA ARG A 290 -2.53 -4.69 13.83
C ARG A 290 -3.82 -5.29 13.30
N MET A 291 -4.50 -4.60 12.37
CA MET A 291 -5.64 -5.13 11.64
C MET A 291 -5.40 -4.86 10.16
N CYS A 292 -4.67 -5.77 9.51
CA CYS A 292 -4.36 -5.62 8.09
C CYS A 292 -4.68 -6.87 7.29
N ASP A 293 -5.42 -7.83 7.85
CA ASP A 293 -5.78 -9.06 7.16
C ASP A 293 -7.03 -8.81 6.30
N THR A 294 -6.83 -8.02 5.25
CA THR A 294 -7.91 -7.67 4.33
C THR A 294 -7.31 -7.26 3.00
N ILE A 295 -8.15 -7.26 1.97
CA ILE A 295 -7.68 -6.92 0.63
C ILE A 295 -7.43 -5.43 0.48
N HIS A 296 -7.91 -4.62 1.41
CA HIS A 296 -7.71 -3.17 1.34
C HIS A 296 -6.47 -2.77 2.12
N PRO A 297 -5.46 -2.17 1.48
CA PRO A 297 -4.26 -1.76 2.22
C PRO A 297 -4.55 -0.79 3.36
N GLN A 298 -5.51 0.13 3.17
CA GLN A 298 -5.84 1.12 4.18
C GLN A 298 -7.36 1.26 4.26
N ILE A 299 -7.90 1.25 5.48
CA ILE A 299 -9.32 1.47 5.72
C ILE A 299 -9.43 2.53 6.81
N HIS A 300 -9.78 3.76 6.42
CA HIS A 300 -9.97 4.82 7.39
C HIS A 300 -10.66 5.99 6.71
N ASP A 301 -11.65 6.57 7.40
CA ASP A 301 -12.24 7.82 6.96
C ASP A 301 -11.36 9.03 7.26
N SER A 302 -10.43 8.88 8.20
CA SER A 302 -9.48 9.93 8.54
C SER A 302 -8.22 9.27 9.06
N ASP A 303 -7.06 9.84 8.74
CA ASP A 303 -5.79 9.25 9.11
C ASP A 303 -4.98 10.06 10.11
N ARG A 304 -5.33 11.33 10.33
CA ARG A 304 -4.55 12.17 11.23
C ARG A 304 -5.45 13.20 11.88
N LEU A 305 -4.98 13.73 13.01
CA LEU A 305 -5.63 14.83 13.71
C LEU A 305 -4.68 16.02 13.68
N SER A 306 -5.08 17.10 13.00
CA SER A 306 -4.27 18.29 12.88
C SER A 306 -4.81 19.37 13.80
N MET A 307 -3.92 19.97 14.58
CA MET A 307 -4.29 20.99 15.56
C MET A 307 -3.47 22.25 15.33
N TRP A 308 -4.14 23.41 15.43
CA TRP A 308 -3.50 24.71 15.34
C TRP A 308 -3.65 25.38 16.70
N ARG A 309 -2.61 25.32 17.51
CA ARG A 309 -2.68 25.84 18.87
C ARG A 309 -2.68 27.36 18.87
N GLY A 310 -2.96 27.93 20.05
CA GLY A 310 -3.03 29.37 20.18
C GLY A 310 -1.69 30.05 19.93
N ASN A 311 -0.60 29.41 20.35
CA ASN A 311 0.72 29.99 20.14
C ASN A 311 1.18 29.93 18.69
N GLY A 312 0.44 29.24 17.83
CA GLY A 312 0.79 29.14 16.43
C GLY A 312 1.48 27.85 16.03
N GLU A 313 1.59 26.88 16.93
CA GLU A 313 2.27 25.63 16.63
C GLU A 313 1.29 24.64 16.00
N TRP A 314 1.70 24.04 14.89
CA TRP A 314 0.91 23.03 14.22
C TRP A 314 1.35 21.64 14.68
N ILE A 315 0.37 20.80 15.03
CA ILE A 315 0.63 19.47 15.56
C ILE A 315 -0.05 18.46 14.65
N CYS A 316 0.71 17.45 14.23
CA CYS A 316 0.19 16.35 13.42
C CYS A 316 0.10 15.11 14.31
N ARG A 317 -1.12 14.62 14.51
CA ARG A 317 -1.38 13.44 15.34
C ARG A 317 -2.01 12.36 14.48
N PRO A 318 -1.24 11.39 13.99
CA PRO A 318 -1.83 10.28 13.24
C PRO A 318 -2.78 9.47 14.11
N LEU A 319 -3.88 9.05 13.51
CA LEU A 319 -4.85 8.23 14.22
C LEU A 319 -4.33 6.80 14.38
N ASN A 320 -4.83 6.13 15.41
CA ASN A 320 -4.41 4.78 15.74
C ASN A 320 -5.63 3.89 15.98
N ASN A 321 -5.44 2.60 15.78
CA ASN A 321 -6.44 1.59 16.11
C ASN A 321 -5.91 0.75 17.27
N PRO A 322 -6.03 1.23 18.50
CA PRO A 322 -5.40 0.54 19.63
C PRO A 322 -6.14 -0.74 19.99
N GLN A 323 -5.42 -1.61 20.71
CA GLN A 323 -6.03 -2.83 21.22
C GLN A 323 -6.98 -2.56 22.38
N LYS A 324 -6.78 -1.46 23.09
CA LYS A 324 -7.64 -1.09 24.22
C LYS A 324 -8.13 0.34 24.01
N LEU A 325 -9.24 0.65 24.67
CA LEU A 325 -9.83 1.99 24.58
C LEU A 325 -8.84 3.03 25.09
N GLN A 326 -8.67 4.10 24.32
CA GLN A 326 -7.70 5.14 24.64
C GLN A 326 -8.36 6.51 24.56
N PHE A 327 -8.03 7.38 25.51
CA PHE A 327 -8.49 8.76 25.51
C PHE A 327 -7.29 9.67 25.74
N ASN A 328 -7.16 10.70 24.89
CA ASN A 328 -6.05 11.63 24.96
C ASN A 328 -6.59 13.05 24.99
N ALA A 329 -6.09 13.85 25.93
CA ALA A 329 -6.47 15.26 26.05
C ALA A 329 -5.27 16.13 25.77
N TYR A 330 -5.42 17.08 24.85
CA TYR A 330 -4.35 17.99 24.45
C TYR A 330 -4.73 19.40 24.90
N THR A 331 -3.97 19.94 25.86
CA THR A 331 -4.31 21.23 26.45
C THR A 331 -4.05 22.35 25.45
N ASP A 332 -5.02 23.26 25.32
CA ASP A 332 -4.91 24.43 24.48
C ASP A 332 -5.53 25.62 25.18
N ASN A 333 -5.02 26.81 24.87
CA ASN A 333 -5.52 28.04 25.48
C ASN A 333 -6.44 28.84 24.57
N ASN A 334 -6.22 28.77 23.26
CA ASN A 334 -7.09 29.45 22.29
C ASN A 334 -6.91 28.78 20.93
N PRO A 335 -7.54 27.62 20.70
CA PRO A 335 -7.28 26.86 19.48
C PRO A 335 -7.73 27.62 18.24
N LYS A 336 -6.80 27.88 17.34
CA LYS A 336 -7.12 28.53 16.08
C LYS A 336 -7.78 27.59 15.09
N GLY A 337 -7.68 26.28 15.30
CA GLY A 337 -8.28 25.32 14.40
C GLY A 337 -7.86 23.89 14.69
N PHE A 338 -8.78 22.96 14.48
CA PHE A 338 -8.49 21.54 14.65
C PHE A 338 -9.49 20.74 13.82
N GLY A 339 -9.14 19.49 13.56
CA GLY A 339 -10.02 18.61 12.82
C GLY A 339 -9.31 17.35 12.37
N LEU A 340 -10.10 16.43 11.86
CA LEU A 340 -9.61 15.16 11.33
C LEU A 340 -9.48 15.27 9.82
N LEU A 341 -8.32 14.88 9.29
CA LEU A 341 -7.99 15.07 7.89
C LEU A 341 -7.77 13.74 7.20
N GLN A 342 -8.17 13.68 5.93
CA GLN A 342 -7.92 12.54 5.05
C GLN A 342 -7.00 13.04 3.94
N LEU A 343 -5.70 13.00 4.19
CA LEU A 343 -4.71 13.56 3.27
C LEU A 343 -4.28 12.58 2.19
N ASP A 344 -4.67 11.30 2.28
CA ASP A 344 -4.31 10.31 1.29
C ASP A 344 -5.49 10.17 0.32
N ARG A 345 -5.37 10.80 -0.84
CA ARG A 345 -6.43 10.79 -1.85
C ARG A 345 -6.15 9.81 -2.98
N ASP A 346 -5.10 8.99 -2.86
CA ASP A 346 -4.75 8.04 -3.91
C ASP A 346 -5.59 6.78 -3.77
N PHE A 347 -6.21 6.36 -4.87
CA PHE A 347 -7.10 5.20 -4.83
C PHE A 347 -6.32 3.91 -4.55
N SER A 348 -5.10 3.80 -5.11
CA SER A 348 -4.36 2.56 -5.00
C SER A 348 -3.97 2.23 -3.56
N HIS A 349 -4.03 3.21 -2.65
CA HIS A 349 -3.75 2.97 -1.25
C HIS A 349 -4.93 2.36 -0.51
N TYR A 350 -6.12 2.37 -1.10
CA TYR A 350 -7.32 1.81 -0.47
C TYR A 350 -7.88 0.61 -1.20
N GLN A 351 -7.91 0.65 -2.54
CA GLN A 351 -8.42 -0.47 -3.35
C GLN A 351 -9.86 -0.82 -2.97
N ASP A 352 -10.66 0.19 -2.70
CA ASP A 352 -12.07 0.00 -2.36
C ASP A 352 -12.92 0.72 -3.38
N ILE A 353 -13.90 0.01 -3.94
CA ILE A 353 -14.82 0.58 -4.91
C ILE A 353 -16.23 0.73 -4.38
N MET A 354 -16.52 0.18 -3.20
CA MET A 354 -17.82 0.35 -2.56
C MET A 354 -17.85 1.48 -1.55
N GLY A 355 -16.72 1.75 -0.90
CA GLY A 355 -16.67 2.81 0.09
C GLY A 355 -16.02 4.08 -0.42
N TRP A 356 -15.03 3.94 -1.31
CA TRP A 356 -14.32 5.07 -1.89
C TRP A 356 -13.72 5.97 -0.80
N TYR A 357 -12.83 5.37 0.00
CA TYR A 357 -12.22 6.12 1.10
C TYR A 357 -11.33 7.25 0.60
N ASN A 358 -10.77 7.11 -0.61
CA ASN A 358 -9.93 8.17 -1.16
C ASN A 358 -10.72 9.42 -1.51
N LYS A 359 -12.02 9.29 -1.74
CA LYS A 359 -12.86 10.43 -2.09
C LYS A 359 -13.58 11.03 -0.89
N ARG A 360 -13.36 10.49 0.32
CA ARG A 360 -14.05 11.00 1.49
C ARG A 360 -13.47 12.34 1.92
N PRO A 361 -14.30 13.24 2.44
CA PRO A 361 -13.83 14.59 2.78
C PRO A 361 -13.10 14.62 4.11
N SER A 362 -12.48 15.77 4.38
CA SER A 362 -11.82 16.05 5.64
C SER A 362 -12.54 17.21 6.32
N LEU A 363 -12.69 17.12 7.64
CA LEU A 363 -13.42 18.11 8.42
C LEU A 363 -12.44 18.97 9.21
N TRP A 364 -12.61 20.28 9.11
CA TRP A 364 -11.79 21.25 9.84
C TRP A 364 -12.69 22.18 10.62
N VAL A 365 -12.38 22.36 11.91
CA VAL A 365 -13.15 23.21 12.80
C VAL A 365 -12.36 24.48 13.03
N GLU A 366 -12.94 25.62 12.69
CA GLU A 366 -12.30 26.93 12.86
C GLU A 366 -13.12 27.76 13.83
N PRO A 367 -12.71 27.87 15.10
CA PRO A 367 -13.45 28.69 16.05
C PRO A 367 -13.48 30.15 15.63
N ARG A 368 -14.63 30.80 15.84
CA ARG A 368 -14.79 32.19 15.48
C ARG A 368 -14.41 33.14 16.61
N ASN A 369 -14.51 32.69 17.85
CA ASN A 369 -14.18 33.50 19.02
C ASN A 369 -13.17 32.76 19.89
N LYS A 370 -12.65 33.47 20.88
CA LYS A 370 -11.69 32.88 21.81
C LYS A 370 -12.41 31.88 22.71
N TRP A 371 -12.05 30.62 22.59
CA TRP A 371 -12.70 29.55 23.35
C TRP A 371 -12.13 29.37 24.75
N GLY A 372 -11.03 30.03 25.07
CA GLY A 372 -10.45 29.92 26.39
C GLY A 372 -9.72 28.61 26.61
N LYS A 373 -9.34 28.40 27.87
CA LYS A 373 -8.60 27.20 28.23
C LYS A 373 -9.46 25.96 28.07
N GLY A 374 -8.83 24.87 27.65
CA GLY A 374 -9.54 23.63 27.46
C GLY A 374 -8.61 22.57 26.86
N THR A 375 -9.20 21.42 26.56
CA THR A 375 -8.48 20.30 26.00
C THR A 375 -9.21 19.76 24.77
N ILE A 376 -8.45 19.34 23.78
CA ILE A 376 -9.01 18.70 22.59
C ILE A 376 -8.99 17.20 22.83
N GLY A 377 -10.15 16.64 23.15
CA GLY A 377 -10.23 15.22 23.43
C GLY A 377 -10.11 14.40 22.16
N LEU A 378 -9.63 13.16 22.33
CA LEU A 378 -9.47 12.24 21.21
C LEU A 378 -9.64 10.82 21.77
N MET A 379 -10.79 10.22 21.50
CA MET A 379 -11.10 8.88 21.96
C MET A 379 -10.96 7.90 20.81
N GLU A 380 -10.14 6.87 21.01
CA GLU A 380 -9.91 5.82 20.03
C GLU A 380 -10.42 4.50 20.58
N ILE A 381 -11.33 3.86 19.86
CA ILE A 381 -11.91 2.59 20.28
C ILE A 381 -11.31 1.48 19.41
N PRO A 382 -10.99 0.32 19.97
CA PRO A 382 -10.56 -0.80 19.14
C PRO A 382 -11.66 -1.21 18.16
N THR A 383 -11.25 -1.55 16.94
CA THR A 383 -12.18 -1.95 15.90
C THR A 383 -11.56 -3.06 15.07
N THR A 384 -12.42 -3.81 14.38
CA THR A 384 -12.02 -4.91 13.53
C THR A 384 -12.18 -4.59 12.04
N GLY A 385 -13.33 -4.05 11.65
CA GLY A 385 -13.57 -3.73 10.26
C GLY A 385 -13.81 -2.26 10.00
N GLU A 386 -14.91 -1.93 9.33
CA GLU A 386 -15.19 -0.56 8.94
C GLU A 386 -16.62 -0.12 9.27
N THR A 387 -17.40 -0.97 9.93
CA THR A 387 -18.79 -0.66 10.24
C THR A 387 -18.95 0.10 11.56
N LEU A 388 -17.88 0.32 12.30
CA LEU A 388 -17.92 1.01 13.58
C LEU A 388 -17.06 2.27 13.51
N ASP A 389 -17.63 3.40 13.89
CA ASP A 389 -16.91 4.68 13.94
C ASP A 389 -16.23 4.76 15.29
N ASN A 390 -14.91 4.57 15.31
CA ASN A 390 -14.15 4.42 16.55
C ASN A 390 -13.29 5.63 16.86
N ILE A 391 -13.42 6.73 16.13
CA ILE A 391 -12.64 7.93 16.36
C ILE A 391 -13.58 9.06 16.74
N VAL A 392 -13.38 9.63 17.92
CA VAL A 392 -14.17 10.75 18.41
C VAL A 392 -13.21 11.86 18.84
N CYS A 393 -13.40 13.05 18.27
CA CYS A 393 -12.59 14.22 18.61
C CYS A 393 -13.52 15.37 18.93
N PHE A 394 -13.25 16.06 20.04
CA PHE A 394 -14.10 17.15 20.49
C PHE A 394 -13.28 18.12 21.33
N TRP A 395 -13.85 19.30 21.55
CA TRP A 395 -13.24 20.33 22.38
C TRP A 395 -13.94 20.35 23.72
N GLN A 396 -13.18 20.20 24.80
CA GLN A 396 -13.72 20.19 26.14
C GLN A 396 -13.30 21.45 26.89
N PRO A 397 -14.23 22.33 27.26
CA PRO A 397 -13.86 23.51 28.05
C PRO A 397 -13.29 23.11 29.41
N GLU A 398 -12.32 23.90 29.88
CA GLU A 398 -11.66 23.59 31.14
C GLU A 398 -12.63 23.69 32.32
N LYS A 399 -13.50 24.70 32.32
CA LYS A 399 -14.40 24.91 33.43
C LYS A 399 -15.42 23.77 33.53
N ALA A 400 -15.67 23.30 34.75
CA ALA A 400 -16.65 22.26 34.98
C ALA A 400 -18.06 22.77 34.70
N VAL A 401 -18.90 21.90 34.19
CA VAL A 401 -20.27 22.25 33.81
C VAL A 401 -21.19 21.90 34.98
N LYS A 402 -21.89 22.90 35.50
CA LYS A 402 -22.85 22.73 36.58
C LYS A 402 -24.26 23.06 36.08
N ALA A 403 -25.24 22.76 36.92
CA ALA A 403 -26.63 23.04 36.57
C ALA A 403 -26.86 24.54 36.46
N GLY A 404 -27.59 24.93 35.42
CA GLY A 404 -27.87 26.32 35.16
C GLY A 404 -26.78 27.08 34.43
N ASP A 405 -25.71 26.42 34.03
CA ASP A 405 -24.64 27.09 33.31
C ASP A 405 -25.06 27.40 31.88
N GLU A 406 -24.45 28.44 31.32
CA GLU A 406 -24.73 28.89 29.96
C GLU A 406 -23.46 28.91 29.15
N PHE A 407 -23.55 28.48 27.89
CA PHE A 407 -22.40 28.44 26.99
C PHE A 407 -22.80 29.00 25.63
N ALA A 408 -21.80 29.53 24.92
CA ALA A 408 -22.02 30.07 23.59
C ALA A 408 -20.74 29.86 22.79
N PHE A 409 -20.80 29.01 21.77
CA PHE A 409 -19.65 28.68 20.94
C PHE A 409 -19.98 28.95 19.48
N GLN A 410 -19.08 29.65 18.79
CA GLN A 410 -19.21 29.92 17.37
C GLN A 410 -17.99 29.37 16.65
N TYR A 411 -18.22 28.56 15.62
CA TYR A 411 -17.14 27.97 14.87
C TYR A 411 -17.58 27.73 13.43
N ARG A 412 -16.60 27.59 12.55
CA ARG A 412 -16.84 27.32 11.13
C ARG A 412 -16.35 25.92 10.79
N LEU A 413 -17.16 25.18 10.05
CA LEU A 413 -16.83 23.82 9.65
C LEU A 413 -16.53 23.79 8.15
N TYR A 414 -15.41 23.20 7.78
CA TYR A 414 -15.00 23.05 6.39
C TYR A 414 -15.05 21.57 6.04
N TRP A 415 -15.83 21.21 5.03
CA TRP A 415 -16.02 19.82 4.61
C TRP A 415 -15.40 19.66 3.23
N SER A 416 -14.10 19.35 3.20
CA SER A 416 -13.38 19.13 1.96
C SER A 416 -11.99 18.62 2.28
N ALA A 417 -11.39 17.93 1.32
CA ALA A 417 -9.98 17.61 1.41
C ALA A 417 -9.14 18.87 1.28
N GLN A 418 -7.91 18.80 1.78
CA GLN A 418 -7.00 19.94 1.76
C GLN A 418 -7.62 21.11 2.50
N PRO A 419 -7.69 21.07 3.83
CA PRO A 419 -8.36 22.12 4.61
C PRO A 419 -7.80 23.49 4.29
N PRO A 420 -8.59 24.55 4.50
CA PRO A 420 -8.16 25.89 4.04
C PRO A 420 -6.85 26.35 4.65
N VAL A 421 -6.56 25.98 5.89
CA VAL A 421 -5.36 26.41 6.58
C VAL A 421 -4.47 25.21 6.83
N HIS A 422 -3.20 25.32 6.46
CA HIS A 422 -2.20 24.29 6.71
C HIS A 422 -0.93 24.97 7.19
N CYS A 423 -0.01 24.16 7.72
CA CYS A 423 1.22 24.69 8.29
C CYS A 423 2.10 25.27 7.18
N PRO A 424 2.51 26.53 7.28
CA PRO A 424 3.44 27.08 6.28
C PRO A 424 4.78 26.38 6.25
N LEU A 425 5.19 25.75 7.34
CA LEU A 425 6.44 25.01 7.40
C LEU A 425 6.25 23.63 6.76
N ALA A 426 7.23 22.75 6.94
CA ALA A 426 7.13 21.40 6.40
C ALA A 426 6.01 20.63 7.08
N ARG A 427 5.26 19.87 6.29
CA ARG A 427 4.10 19.13 6.77
C ARG A 427 4.38 17.63 6.74
N VAL A 428 3.83 16.92 7.73
CA VAL A 428 3.99 15.48 7.80
C VAL A 428 3.14 14.83 6.72
N MET A 429 3.75 13.94 5.93
CA MET A 429 3.07 13.24 4.85
C MET A 429 2.59 11.86 5.27
N ALA A 430 3.43 11.08 5.94
CA ALA A 430 3.07 9.73 6.36
C ALA A 430 3.86 9.37 7.61
N THR A 431 3.37 8.36 8.32
CA THR A 431 4.00 7.86 9.55
C THR A 431 4.06 6.35 9.46
N ARG A 432 5.15 5.82 8.90
CA ARG A 432 5.29 4.38 8.71
C ARG A 432 6.06 3.78 9.88
N THR A 433 5.50 2.71 10.44
CA THR A 433 6.09 2.01 11.57
C THR A 433 6.34 0.56 11.19
N GLY A 434 7.50 0.03 11.59
CA GLY A 434 7.83 -1.34 11.26
C GLY A 434 8.98 -1.85 12.10
N MET A 435 9.54 -2.96 11.65
CA MET A 435 10.64 -3.60 12.35
C MET A 435 11.90 -2.74 12.29
N GLY A 436 12.68 -2.78 13.37
CA GLY A 436 13.93 -2.07 13.43
C GLY A 436 15.09 -2.97 13.78
N GLY A 437 16.22 -2.38 14.20
CA GLY A 437 17.39 -3.15 14.55
C GLY A 437 18.26 -3.56 13.40
N PHE A 438 18.06 -2.99 12.22
CA PHE A 438 18.87 -3.33 11.05
C PHE A 438 19.03 -2.08 10.18
N SER A 439 20.05 -2.11 9.33
CA SER A 439 20.27 -1.01 8.40
C SER A 439 19.16 -0.96 7.37
N GLU A 440 18.72 0.26 7.04
CA GLU A 440 17.64 0.44 6.08
C GLU A 440 18.03 -0.09 4.72
N GLY A 441 17.15 -0.85 4.09
CA GLY A 441 17.41 -1.46 2.81
C GLY A 441 18.18 -2.75 2.85
N TRP A 442 18.56 -3.23 4.03
CA TRP A 442 19.32 -4.46 4.20
C TRP A 442 18.72 -5.32 5.30
N ALA A 443 17.40 -5.50 5.24
CA ALA A 443 16.73 -6.33 6.22
C ALA A 443 17.18 -7.78 6.08
N PRO A 444 17.60 -8.44 7.16
CA PRO A 444 18.07 -9.82 7.05
C PRO A 444 16.96 -10.76 6.58
N GLY A 445 17.34 -11.70 5.71
CA GLY A 445 16.39 -12.64 5.16
C GLY A 445 16.49 -14.02 5.76
N GLU A 446 17.71 -14.43 6.12
CA GLU A 446 17.92 -15.75 6.69
C GLU A 446 17.56 -15.81 8.18
N HIS A 447 17.42 -14.66 8.83
CA HIS A 447 17.12 -14.63 10.26
C HIS A 447 16.49 -13.30 10.61
N TYR A 448 15.85 -13.27 11.77
CA TYR A 448 15.28 -12.04 12.30
C TYR A 448 16.37 -11.18 12.93
N PRO A 449 16.14 -9.88 13.07
CA PRO A 449 17.11 -9.02 13.75
C PRO A 449 17.36 -9.49 15.19
N GLU A 450 18.63 -9.41 15.60
CA GLU A 450 19.00 -9.92 16.92
C GLU A 450 18.36 -9.11 18.04
N LYS A 451 18.35 -7.79 17.93
CA LYS A 451 17.82 -6.90 18.95
C LYS A 451 16.48 -6.36 18.51
N TRP A 452 15.49 -6.42 19.40
CA TRP A 452 14.16 -5.93 19.09
C TRP A 452 14.12 -4.41 19.16
N ALA A 453 13.60 -3.77 18.11
CA ALA A 453 13.45 -2.33 18.07
C ALA A 453 12.32 -1.98 17.12
N ARG A 454 11.70 -0.84 17.36
CA ARG A 454 10.61 -0.34 16.52
C ARG A 454 11.11 0.83 15.69
N ARG A 455 10.89 0.76 14.38
CA ARG A 455 11.36 1.78 13.46
C ARG A 455 10.19 2.67 13.04
N PHE A 456 10.36 3.97 13.21
CA PHE A 456 9.36 4.96 12.82
C PHE A 456 9.90 5.81 11.68
N ALA A 457 9.14 5.90 10.60
CA ALA A 457 9.51 6.70 9.44
C ALA A 457 8.47 7.80 9.26
N VAL A 458 8.92 9.05 9.30
CA VAL A 458 8.07 10.21 9.14
C VAL A 458 8.56 11.01 7.94
N ASP A 459 7.66 11.30 7.02
CA ASP A 459 7.98 12.04 5.80
C ASP A 459 7.51 13.48 5.92
N PHE A 460 8.41 14.41 5.71
CA PHE A 460 8.11 15.84 5.78
C PHE A 460 8.21 16.45 4.39
N VAL A 461 7.18 17.19 3.99
CA VAL A 461 7.13 17.83 2.68
C VAL A 461 6.75 19.28 2.86
N GLY A 462 7.17 20.11 1.92
CA GLY A 462 6.84 21.52 1.93
C GLY A 462 7.81 22.35 2.75
N GLY A 463 7.42 23.60 2.96
CA GLY A 463 8.25 24.51 3.73
C GLY A 463 9.53 24.85 3.00
N ASP A 464 10.60 25.05 3.76
CA ASP A 464 11.89 25.39 3.19
C ASP A 464 12.90 24.28 3.45
N LEU A 465 12.48 23.03 3.30
CA LEU A 465 13.33 21.88 3.55
C LEU A 465 14.51 21.81 2.58
N LYS A 466 14.27 22.10 1.30
CA LYS A 466 15.37 22.06 0.33
C LYS A 466 16.37 23.18 0.59
N ALA A 467 15.91 24.31 1.12
CA ALA A 467 16.82 25.40 1.46
C ALA A 467 17.58 25.12 2.75
N ALA A 468 16.96 24.43 3.70
CA ALA A 468 17.58 24.15 4.98
C ALA A 468 18.47 22.92 4.97
N ALA A 469 18.42 22.11 3.91
CA ALA A 469 19.27 20.93 3.83
C ALA A 469 20.76 21.26 3.85
N PRO A 470 21.27 22.21 3.06
CA PRO A 470 22.69 22.54 3.16
C PRO A 470 23.10 23.04 4.54
N LYS A 471 22.22 23.77 5.23
CA LYS A 471 22.56 24.27 6.55
C LYS A 471 22.53 23.17 7.60
N GLY A 472 21.74 22.13 7.39
CA GLY A 472 21.67 21.02 8.32
C GLY A 472 20.34 20.91 9.04
N ILE A 473 19.54 19.93 8.65
CA ILE A 473 18.23 19.69 9.27
C ILE A 473 18.46 18.76 10.46
N GLU A 474 18.24 19.27 11.67
CA GLU A 474 18.40 18.49 12.88
C GLU A 474 17.04 18.15 13.45
N PRO A 475 16.66 16.88 13.50
CA PRO A 475 15.38 16.52 14.09
C PRO A 475 15.46 16.40 15.61
N VAL A 476 14.48 16.98 16.28
CA VAL A 476 14.38 16.93 17.73
C VAL A 476 13.29 15.94 18.11
N ILE A 477 13.68 14.85 18.76
CA ILE A 477 12.77 13.77 19.13
C ILE A 477 12.71 13.69 20.65
N THR A 478 11.50 13.82 21.19
CA THR A 478 11.25 13.71 22.62
C THR A 478 10.42 12.46 22.87
N LEU A 479 10.91 11.58 23.74
CA LEU A 479 10.25 10.32 24.04
C LEU A 479 9.94 10.25 25.53
N SER A 480 8.71 9.88 25.87
CA SER A 480 8.37 9.66 27.27
C SER A 480 9.15 8.51 27.86
N SER A 481 9.33 7.43 27.10
CA SER A 481 10.11 6.29 27.52
C SER A 481 10.93 5.78 26.34
N GLY A 482 12.05 5.15 26.65
CA GLY A 482 12.93 4.61 25.64
C GLY A 482 13.87 5.65 25.05
N GLU A 483 14.65 5.21 24.06
CA GLU A 483 15.62 6.07 23.41
C GLU A 483 15.58 5.84 21.90
N ALA A 484 15.99 6.86 21.16
CA ALA A 484 16.10 6.79 19.70
C ALA A 484 17.57 6.68 19.33
N LYS A 485 17.94 5.61 18.63
CA LYS A 485 19.33 5.31 18.35
C LYS A 485 19.74 5.68 16.93
N GLN A 486 19.07 5.12 15.93
CA GLN A 486 19.49 5.28 14.53
C GLN A 486 18.63 6.35 13.88
N ILE A 487 18.95 7.60 14.20
CA ILE A 487 18.24 8.75 13.63
C ILE A 487 18.87 9.07 12.28
N GLU A 488 18.10 8.91 11.21
CA GLU A 488 18.58 9.13 9.85
C GLU A 488 17.67 10.10 9.12
N ILE A 489 18.28 11.00 8.36
CA ILE A 489 17.56 11.96 7.52
C ILE A 489 17.88 11.63 6.07
N LEU A 490 16.84 11.30 5.29
CA LEU A 490 17.00 10.91 3.90
C LEU A 490 16.06 11.73 3.03
N TYR A 491 16.47 11.94 1.78
CA TYR A 491 15.71 12.73 0.82
C TYR A 491 15.00 11.80 -0.15
N ILE A 492 13.71 12.08 -0.38
CA ILE A 492 12.89 11.29 -1.30
C ILE A 492 12.60 12.16 -2.51
N GLU A 493 13.15 11.77 -3.67
CA GLU A 493 12.92 12.54 -4.89
C GLU A 493 11.46 12.56 -5.32
N PRO A 494 10.76 11.42 -5.43
CA PRO A 494 9.40 11.47 -6.01
C PRO A 494 8.42 12.36 -5.25
N ILE A 495 8.51 12.42 -3.93
CA ILE A 495 7.62 13.28 -3.15
C ILE A 495 8.26 14.61 -2.80
N ASP A 496 9.52 14.82 -3.18
CA ASP A 496 10.25 16.07 -2.91
C ASP A 496 10.23 16.40 -1.42
N GLY A 497 10.42 15.37 -0.58
CA GLY A 497 10.40 15.53 0.85
C GLY A 497 11.56 14.81 1.50
N TYR A 498 11.62 14.94 2.83
CA TYR A 498 12.68 14.34 3.62
C TYR A 498 12.07 13.39 4.65
N ARG A 499 12.70 12.22 4.80
CA ARG A 499 12.22 11.20 5.72
C ARG A 499 13.11 11.17 6.96
N ILE A 500 12.49 11.27 8.13
CA ILE A 500 13.18 11.13 9.40
C ILE A 500 12.85 9.76 9.95
N GLN A 501 13.85 8.88 10.01
CA GLN A 501 13.67 7.51 10.47
C GLN A 501 14.54 7.28 11.69
N PHE A 502 13.93 6.72 12.74
CA PHE A 502 14.65 6.40 13.97
C PHE A 502 14.14 5.08 14.51
N ASP A 503 14.99 4.43 15.31
CA ASP A 503 14.67 3.16 15.94
C ASP A 503 14.43 3.40 17.43
N TRP A 504 13.30 2.91 17.93
CA TRP A 504 12.92 3.07 19.33
C TRP A 504 13.28 1.80 20.10
N TYR A 505 14.09 1.96 21.14
CA TYR A 505 14.47 0.85 22.01
C TYR A 505 13.78 0.99 23.35
N PRO A 506 13.17 -0.08 23.86
CA PRO A 506 12.34 0.05 25.07
C PRO A 506 13.09 0.52 26.30
N THR A 507 14.14 -0.19 26.69
CA THR A 507 14.89 0.05 27.93
C THR A 507 14.00 0.04 29.16
N SER A 508 12.85 -0.61 29.08
CA SER A 508 11.91 -0.72 30.19
C SER A 508 10.91 -1.81 29.86
N ASP A 509 10.18 -2.25 30.89
CA ASP A 509 9.15 -3.28 30.73
C ASP A 509 7.81 -2.81 31.29
N SER A 510 7.59 -1.49 31.28
CA SER A 510 6.37 -0.93 31.86
C SER A 510 5.16 -1.02 30.94
N THR A 511 5.38 -1.32 29.65
CA THR A 511 4.32 -1.50 28.64
C THR A 511 3.33 -0.33 28.60
N ASP A 512 3.69 0.80 29.18
CA ASP A 512 2.86 1.99 29.15
C ASP A 512 2.95 2.68 27.79
N PRO A 513 1.92 3.41 27.38
CA PRO A 513 1.99 4.12 26.10
C PRO A 513 3.12 5.13 26.09
N VAL A 514 3.76 5.26 24.93
CA VAL A 514 4.92 6.13 24.76
C VAL A 514 4.50 7.31 23.90
N ASP A 515 4.75 8.51 24.39
CA ASP A 515 4.44 9.74 23.66
C ASP A 515 5.70 10.25 22.98
N MET A 516 5.61 10.49 21.67
CA MET A 516 6.74 10.95 20.88
C MET A 516 6.40 12.28 20.22
N ARG A 517 7.35 13.21 20.25
CA ARG A 517 7.22 14.50 19.60
C ARG A 517 8.42 14.72 18.70
N MET A 518 8.16 15.13 17.46
CA MET A 518 9.22 15.39 16.50
C MET A 518 8.95 16.70 15.77
N TYR A 519 10.00 17.50 15.62
CA TYR A 519 9.94 18.70 14.80
C TYR A 519 11.35 19.01 14.31
N LEU A 520 11.45 19.49 13.07
CA LEU A 520 12.74 19.76 12.44
C LEU A 520 13.22 21.16 12.84
N ARG A 521 14.47 21.24 13.30
CA ARG A 521 15.08 22.48 13.75
C ARG A 521 16.42 22.63 13.05
N CYS A 522 16.51 23.59 12.12
CA CYS A 522 17.74 23.73 11.33
C CYS A 522 18.70 24.75 11.93
N GLN A 523 18.30 26.02 11.96
CA GLN A 523 19.11 27.07 12.58
C GLN A 523 18.59 27.42 13.96
N GLY A 524 18.45 26.43 14.83
CA GLY A 524 17.91 26.66 16.16
C GLY A 524 16.47 27.14 16.15
N ASP A 525 15.79 27.01 15.01
CA ASP A 525 14.39 27.40 14.89
C ASP A 525 13.63 26.30 14.17
N ALA A 526 12.36 26.14 14.55
CA ALA A 526 11.53 25.08 13.97
C ALA A 526 11.23 25.39 12.51
N ILE A 527 11.43 24.39 11.65
CA ILE A 527 11.14 24.50 10.22
C ILE A 527 10.06 23.50 9.79
N SER A 528 9.47 22.79 10.74
CA SER A 528 8.42 21.81 10.43
C SER A 528 7.44 21.78 11.59
N GLU A 529 6.23 21.31 11.30
CA GLU A 529 5.22 21.19 12.34
C GLU A 529 5.53 20.01 13.26
N THR A 530 5.03 20.08 14.48
CA THR A 530 5.27 19.04 15.47
C THR A 530 4.54 17.75 15.08
N TRP A 531 5.21 16.63 15.26
CA TRP A 531 4.66 15.30 14.98
C TRP A 531 4.41 14.61 16.32
N LEU A 532 3.15 14.46 16.68
CA LEU A 532 2.74 13.86 17.93
C LEU A 532 2.23 12.44 17.67
N TYR A 533 2.79 11.47 18.38
CA TYR A 533 2.41 10.08 18.19
C TYR A 533 2.34 9.38 19.53
N GLN A 534 1.34 8.51 19.69
CA GLN A 534 1.21 7.65 20.85
C GLN A 534 1.47 6.21 20.43
N TYR A 535 2.47 5.59 21.04
CA TYR A 535 2.91 4.26 20.69
C TYR A 535 2.73 3.33 21.87
N PHE A 536 2.15 2.15 21.62
CA PHE A 536 1.92 1.17 22.66
C PHE A 536 2.88 0.00 22.48
N PRO A 537 3.92 -0.12 23.30
CA PRO A 537 4.87 -1.21 23.13
C PRO A 537 4.21 -2.54 23.44
N PRO A 538 4.67 -3.64 22.82
CA PRO A 538 4.11 -4.95 23.15
C PRO A 538 4.52 -5.40 24.54
N ALA A 539 4.01 -6.56 24.96
CA ALA A 539 4.40 -7.10 26.24
C ALA A 539 5.88 -7.48 26.24
N PRO A 540 6.54 -7.46 27.40
CA PRO A 540 7.97 -7.84 27.44
C PRO A 540 8.24 -9.23 26.88
N ASP A 541 7.34 -10.19 27.09
CA ASP A 541 7.51 -11.50 26.49
C ASP A 541 7.24 -11.49 24.99
N LYS A 542 6.49 -10.53 24.49
CA LYS A 542 6.19 -10.42 23.07
C LYS A 542 7.15 -9.51 22.33
N ARG A 543 8.17 -8.97 23.01
CA ARG A 543 9.16 -8.12 22.36
C ARG A 543 10.26 -8.95 21.72
N GLN A 544 9.87 -9.90 20.89
CA GLN A 544 10.81 -10.78 20.20
C GLN A 544 10.12 -11.36 18.99
N TYR A 545 10.93 -11.92 18.09
CA TYR A 545 10.43 -12.54 16.87
C TYR A 545 10.64 -14.05 16.94
N VAL A 546 9.57 -14.79 16.72
CA VAL A 546 9.64 -16.26 16.70
C VAL A 546 9.91 -16.72 15.27
N ASP A 547 10.84 -17.65 15.13
CA ASP A 547 11.24 -18.15 13.82
C ASP A 547 11.08 -19.67 13.79
N ASP A 548 10.43 -20.19 12.75
CA ASP A 548 10.27 -21.63 12.62
C ASP A 548 11.61 -22.31 12.31
N ARG A 549 12.54 -21.58 11.70
CA ARG A 549 13.84 -22.14 11.37
C ARG A 549 14.71 -22.25 12.62
N ASP B 37 44.71 -3.11 -25.54
CA ASP B 37 46.01 -2.66 -25.04
C ASP B 37 46.37 -3.40 -23.75
N ILE B 38 45.35 -3.81 -22.99
CA ILE B 38 45.57 -4.52 -21.74
C ILE B 38 45.72 -6.02 -21.94
N ALA B 39 45.53 -6.52 -23.16
CA ALA B 39 45.70 -7.94 -23.46
C ALA B 39 47.15 -8.18 -23.84
N ASP B 40 47.87 -8.93 -23.00
CA ASP B 40 49.29 -9.20 -23.22
C ASP B 40 49.60 -10.68 -23.34
N GLY B 41 48.57 -11.54 -23.38
CA GLY B 41 48.80 -12.96 -23.49
C GLY B 41 49.18 -13.39 -24.89
N GLN B 42 49.50 -14.69 -25.00
CA GLN B 42 49.88 -15.26 -26.29
C GLN B 42 48.66 -15.30 -27.22
N THR B 43 48.94 -15.11 -28.51
CA THR B 43 47.89 -15.10 -29.52
C THR B 43 47.48 -16.55 -29.83
N GLN B 44 46.19 -16.84 -29.70
CA GLN B 44 45.67 -18.16 -29.99
C GLN B 44 44.36 -18.02 -30.76
N ARG B 45 44.14 -18.94 -31.71
CA ARG B 45 42.92 -18.91 -32.49
C ARG B 45 41.73 -19.29 -31.62
N PHE B 46 40.63 -18.54 -31.77
CA PHE B 46 39.43 -18.77 -30.98
C PHE B 46 38.20 -18.65 -31.86
N ASP B 47 37.22 -19.52 -31.62
CA ASP B 47 35.94 -19.49 -32.31
C ASP B 47 34.91 -20.18 -31.44
N PHE B 48 33.64 -20.07 -31.83
CA PHE B 48 32.60 -20.78 -31.10
C PHE B 48 32.78 -22.29 -31.21
N SER B 49 33.18 -22.78 -32.39
CA SER B 49 33.50 -24.20 -32.53
C SER B 49 34.70 -24.59 -31.68
N ILE B 50 35.71 -23.71 -31.62
CA ILE B 50 36.86 -23.96 -30.76
C ILE B 50 36.45 -24.00 -29.30
N LEU B 51 35.58 -23.06 -28.89
CA LEU B 51 35.11 -23.05 -27.51
C LEU B 51 34.31 -24.30 -27.18
N GLN B 52 33.51 -24.79 -28.13
CA GLN B 52 32.80 -26.04 -27.91
C GLN B 52 33.75 -27.22 -27.78
N SER B 53 34.89 -27.15 -28.48
CA SER B 53 35.85 -28.24 -28.42
C SER B 53 36.47 -28.37 -27.03
N MET B 54 36.87 -27.25 -26.42
CA MET B 54 37.46 -27.31 -25.09
C MET B 54 36.44 -27.67 -24.03
N ALA B 55 35.18 -27.23 -24.21
CA ALA B 55 34.12 -27.65 -23.30
C ALA B 55 33.90 -29.16 -23.38
N HIS B 56 33.94 -29.72 -24.59
CA HIS B 56 33.83 -31.16 -24.74
C HIS B 56 35.03 -31.88 -24.13
N ASP B 57 36.24 -31.33 -24.34
CA ASP B 57 37.42 -31.92 -23.74
C ASP B 57 37.39 -31.80 -22.22
N LEU B 58 36.89 -30.68 -21.69
CA LEU B 58 36.78 -30.52 -20.25
C LEU B 58 35.83 -31.54 -19.65
N ALA B 59 34.71 -31.82 -20.34
CA ALA B 59 33.77 -32.82 -19.85
C ALA B 59 34.38 -34.22 -19.88
N GLN B 60 35.22 -34.48 -20.87
CA GLN B 60 35.85 -35.79 -20.99
C GLN B 60 36.87 -36.06 -19.90
N THR B 61 37.34 -35.03 -19.21
CA THR B 61 38.34 -35.15 -18.17
C THR B 61 37.71 -34.86 -16.80
N ALA B 62 38.49 -35.12 -15.75
CA ALA B 62 38.02 -34.93 -14.40
C ALA B 62 37.90 -33.44 -14.07
N TRP B 63 37.06 -33.15 -13.09
CA TRP B 63 36.83 -31.78 -12.66
C TRP B 63 38.09 -31.20 -12.02
N ARG B 64 38.28 -29.89 -12.21
CA ARG B 64 39.43 -29.22 -11.62
C ARG B 64 39.36 -29.26 -10.10
N GLY B 65 38.18 -29.06 -9.53
CA GLY B 65 37.99 -29.10 -8.10
C GLY B 65 37.66 -27.73 -7.53
N ALA B 66 37.62 -27.67 -6.21
CA ALA B 66 37.37 -26.42 -5.52
C ALA B 66 38.53 -25.46 -5.76
N PRO B 67 38.25 -24.15 -5.81
CA PRO B 67 39.32 -23.18 -6.06
C PRO B 67 40.38 -23.23 -4.98
N ARG B 68 41.64 -23.07 -5.40
CA ARG B 68 42.75 -23.06 -4.47
C ARG B 68 42.73 -21.77 -3.65
N PRO B 69 43.31 -21.80 -2.45
CA PRO B 69 43.28 -20.61 -1.59
C PRO B 69 43.94 -19.41 -2.25
N LEU B 70 43.34 -18.24 -2.04
CA LEU B 70 43.86 -16.99 -2.56
C LEU B 70 45.08 -16.55 -1.75
N PRO B 71 45.86 -15.61 -2.26
CA PRO B 71 46.96 -15.06 -1.45
C PRO B 71 46.46 -14.49 -0.14
N ASP B 72 47.35 -14.47 0.85
CA ASP B 72 46.95 -14.13 2.22
C ASP B 72 46.34 -12.75 2.30
N THR B 73 46.81 -11.81 1.46
CA THR B 73 46.25 -10.47 1.48
C THR B 73 44.78 -10.47 1.07
N LEU B 74 44.44 -11.20 0.00
CA LEU B 74 43.05 -11.27 -0.43
C LEU B 74 42.23 -12.23 0.41
N ALA B 75 42.84 -13.31 0.90
CA ALA B 75 42.09 -14.30 1.68
C ALA B 75 41.57 -13.71 2.97
N THR B 76 42.40 -12.94 3.68
CA THR B 76 42.03 -12.31 4.94
C THR B 76 41.96 -10.80 4.69
N MET B 77 40.78 -10.34 4.28
CA MET B 77 40.58 -8.92 3.99
C MET B 77 39.22 -8.48 4.53
N THR B 78 39.15 -7.23 4.95
CA THR B 78 37.90 -6.68 5.45
C THR B 78 36.93 -6.45 4.30
N PRO B 79 35.62 -6.63 4.52
CA PRO B 79 34.66 -6.26 3.46
C PRO B 79 34.77 -4.81 3.04
N GLN B 80 35.07 -3.91 3.97
CA GLN B 80 35.28 -2.51 3.60
C GLN B 80 36.55 -2.35 2.78
N ALA B 81 37.58 -3.14 3.06
CA ALA B 81 38.81 -3.08 2.29
C ALA B 81 38.59 -3.49 0.84
N TYR B 82 37.78 -4.53 0.62
CA TYR B 82 37.50 -4.98 -0.74
C TYR B 82 36.76 -3.92 -1.53
N ASN B 83 35.79 -3.25 -0.90
CA ASN B 83 35.02 -2.21 -1.59
C ASN B 83 35.88 -1.00 -1.95
N SER B 84 37.05 -0.85 -1.33
CA SER B 84 37.94 0.26 -1.64
C SER B 84 38.77 0.02 -2.90
N ILE B 85 38.75 -1.20 -3.44
CA ILE B 85 39.50 -1.49 -4.66
C ILE B 85 38.68 -1.07 -5.85
N GLN B 86 39.20 -0.14 -6.64
CA GLN B 86 38.52 0.40 -7.81
C GLN B 86 39.32 0.08 -9.06
N TYR B 87 38.64 -0.42 -10.09
CA TYR B 87 39.30 -0.69 -11.36
C TYR B 87 39.68 0.61 -12.04
N ASP B 88 40.77 0.57 -12.80
CA ASP B 88 41.28 1.76 -13.48
C ASP B 88 40.51 1.96 -14.78
N ALA B 89 39.76 3.07 -14.85
CA ALA B 89 39.00 3.37 -16.06
C ALA B 89 39.92 3.65 -17.24
N GLU B 90 41.14 4.12 -16.99
CA GLU B 90 42.08 4.34 -18.06
C GLU B 90 42.56 3.02 -18.67
N LYS B 91 42.59 1.96 -17.87
CA LYS B 91 43.00 0.64 -18.33
C LYS B 91 41.81 -0.27 -18.60
N SER B 92 40.63 0.30 -18.85
CA SER B 92 39.45 -0.49 -19.12
C SER B 92 39.54 -1.14 -20.50
N LEU B 93 38.75 -2.20 -20.68
CA LEU B 93 38.68 -2.88 -21.97
C LEU B 93 38.09 -1.95 -23.03
N TRP B 94 38.58 -2.12 -24.26
CA TRP B 94 38.15 -1.31 -25.40
C TRP B 94 38.44 0.17 -25.20
N HIS B 95 39.47 0.49 -24.43
CA HIS B 95 39.82 1.89 -24.20
C HIS B 95 40.44 2.53 -25.44
N ASN B 96 41.01 1.73 -26.34
CA ASN B 96 41.62 2.24 -27.56
C ASN B 96 40.66 2.25 -28.74
N VAL B 97 39.40 1.89 -28.54
CA VAL B 97 38.40 1.89 -29.58
C VAL B 97 37.81 3.30 -29.67
N GLU B 98 38.09 3.99 -30.77
CA GLU B 98 37.58 5.34 -30.94
C GLU B 98 36.09 5.32 -31.25
N ASN B 99 35.39 6.34 -30.76
CA ASN B 99 33.95 6.50 -30.93
C ASN B 99 33.23 5.22 -30.47
N ARG B 100 33.37 4.94 -29.18
CA ARG B 100 32.83 3.73 -28.58
C ARG B 100 31.64 4.07 -27.69
N GLN B 101 30.62 3.22 -27.75
CA GLN B 101 29.44 3.36 -26.90
C GLN B 101 29.45 2.40 -25.72
N LEU B 102 30.50 1.60 -25.56
CA LEU B 102 30.56 0.62 -24.49
C LEU B 102 31.96 0.61 -23.88
N ASP B 103 32.01 0.23 -22.61
CA ASP B 103 33.28 0.05 -21.89
C ASP B 103 33.12 -1.08 -20.89
N ALA B 104 34.18 -1.86 -20.72
CA ALA B 104 34.18 -3.01 -19.83
C ALA B 104 35.23 -2.84 -18.75
N GLN B 105 34.83 -3.07 -17.51
CA GLN B 105 35.74 -3.03 -16.37
C GLN B 105 35.61 -4.34 -15.60
N PHE B 106 36.76 -4.87 -15.17
CA PHE B 106 36.80 -6.16 -14.49
C PHE B 106 36.67 -5.97 -12.98
N PHE B 107 36.38 -7.08 -12.30
CA PHE B 107 36.30 -7.11 -10.85
C PHE B 107 37.60 -7.69 -10.28
N HIS B 108 37.66 -7.77 -8.94
CA HIS B 108 38.86 -8.21 -8.25
C HIS B 108 38.57 -9.46 -7.42
N MET B 109 39.60 -10.29 -7.25
CA MET B 109 39.50 -11.47 -6.43
C MET B 109 39.27 -11.08 -4.97
N GLY B 110 38.45 -11.87 -4.28
CA GLY B 110 38.19 -11.61 -2.88
C GLY B 110 36.77 -11.93 -2.46
N MET B 111 36.52 -11.94 -1.15
CA MET B 111 35.22 -12.23 -0.54
C MET B 111 34.78 -13.63 -1.01
N GLY B 112 33.51 -13.81 -1.38
CA GLY B 112 33.04 -15.10 -1.85
C GLY B 112 33.49 -15.47 -3.24
N PHE B 113 34.10 -14.53 -3.97
CA PHE B 113 34.62 -14.80 -5.31
C PHE B 113 36.01 -15.40 -5.15
N ARG B 114 36.07 -16.73 -5.07
CA ARG B 114 37.32 -17.45 -4.94
C ARG B 114 37.74 -18.14 -6.23
N ARG B 115 36.87 -18.21 -7.23
CA ARG B 115 37.17 -18.88 -8.48
C ARG B 115 37.81 -17.88 -9.44
N ARG B 116 39.02 -18.18 -9.88
CA ARG B 116 39.72 -17.31 -10.83
C ARG B 116 39.11 -17.44 -12.21
N VAL B 117 38.81 -16.31 -12.84
CA VAL B 117 38.21 -16.28 -14.17
C VAL B 117 39.19 -15.59 -15.11
N ARG B 118 39.48 -16.23 -16.23
CA ARG B 118 40.42 -15.70 -17.21
C ARG B 118 39.66 -14.92 -18.28
N MET B 119 40.14 -13.71 -18.57
CA MET B 119 39.55 -12.86 -19.58
C MET B 119 40.43 -12.83 -20.82
N PHE B 120 39.80 -12.86 -21.99
CA PHE B 120 40.49 -12.83 -23.27
C PHE B 120 39.87 -11.77 -24.16
N SER B 121 40.71 -11.20 -25.02
CA SER B 121 40.26 -10.24 -26.04
C SER B 121 40.47 -10.88 -27.41
N VAL B 122 39.41 -10.99 -28.18
CA VAL B 122 39.44 -11.63 -29.49
C VAL B 122 39.01 -10.63 -30.55
N ASP B 123 39.83 -10.50 -31.59
CA ASP B 123 39.49 -9.61 -32.71
C ASP B 123 38.41 -10.24 -33.56
N PRO B 124 37.28 -9.57 -33.78
CA PRO B 124 36.24 -10.16 -34.66
C PRO B 124 36.72 -10.42 -36.08
N ALA B 125 37.62 -9.59 -36.61
CA ALA B 125 38.08 -9.80 -37.98
C ALA B 125 38.99 -11.03 -38.07
N THR B 126 40.11 -11.00 -37.37
CA THR B 126 41.02 -12.14 -37.29
C THR B 126 40.78 -12.85 -35.98
N HIS B 127 40.34 -14.11 -36.05
CA HIS B 127 39.93 -14.83 -34.85
C HIS B 127 41.12 -15.23 -34.00
N LEU B 128 41.73 -14.26 -33.34
CA LEU B 128 42.86 -14.50 -32.45
C LEU B 128 42.53 -13.90 -31.08
N ALA B 129 42.72 -14.69 -30.03
CA ALA B 129 42.39 -14.29 -28.67
C ALA B 129 43.68 -14.12 -27.86
N ARG B 130 43.78 -12.98 -27.17
CA ARG B 130 44.90 -12.69 -26.29
C ARG B 130 44.41 -12.62 -24.86
N GLU B 131 45.12 -13.29 -23.95
CA GLU B 131 44.70 -13.34 -22.56
C GLU B 131 45.06 -12.04 -21.84
N ILE B 132 44.10 -11.53 -21.06
CA ILE B 132 44.31 -10.34 -20.25
C ILE B 132 44.72 -10.83 -18.86
N HIS B 133 46.02 -10.92 -18.65
CA HIS B 133 46.53 -11.37 -17.35
C HIS B 133 46.29 -10.32 -16.27
N PHE B 134 45.99 -10.78 -15.07
CA PHE B 134 45.72 -9.87 -13.97
C PHE B 134 47.00 -9.18 -13.53
N ARG B 135 46.93 -7.86 -13.36
CA ARG B 135 48.04 -7.07 -12.88
C ARG B 135 47.56 -6.13 -11.78
N PRO B 136 48.40 -5.87 -10.77
CA PRO B 136 48.00 -4.90 -9.73
C PRO B 136 47.81 -3.49 -10.25
N GLU B 137 48.41 -3.14 -11.39
CA GLU B 137 48.26 -1.81 -11.96
C GLU B 137 46.89 -1.58 -12.56
N LEU B 138 46.09 -2.63 -12.75
CA LEU B 138 44.74 -2.48 -13.28
C LEU B 138 43.74 -1.98 -12.24
N PHE B 139 44.14 -1.91 -10.96
CA PHE B 139 43.26 -1.50 -9.89
C PHE B 139 43.94 -0.43 -9.04
N LYS B 140 43.12 0.41 -8.41
CA LYS B 140 43.59 1.36 -7.40
C LYS B 140 43.02 0.89 -6.06
N TYR B 141 43.89 0.39 -5.20
CA TYR B 141 43.43 -0.20 -3.94
C TYR B 141 42.99 0.86 -2.92
N ASN B 142 43.60 2.05 -2.98
CA ASN B 142 43.23 3.16 -2.09
C ASN B 142 43.29 2.77 -0.63
N ASP B 143 42.12 2.71 0.02
CA ASP B 143 42.04 2.38 1.44
C ASP B 143 41.92 0.87 1.66
N ALA B 144 42.85 0.11 1.08
CA ALA B 144 42.87 -1.33 1.18
C ALA B 144 44.19 -1.77 1.81
N GLY B 145 44.10 -2.71 2.75
CA GLY B 145 45.29 -3.24 3.38
C GLY B 145 45.95 -4.35 2.59
N VAL B 146 46.11 -4.12 1.29
CA VAL B 146 46.73 -5.10 0.38
C VAL B 146 48.19 -4.73 0.22
N ASP B 147 49.08 -5.71 0.44
CA ASP B 147 50.51 -5.44 0.34
C ASP B 147 50.93 -5.09 -1.08
N THR B 148 50.24 -5.65 -2.08
CA THR B 148 50.44 -5.43 -3.51
C THR B 148 51.73 -6.10 -4.00
N LYS B 149 52.60 -6.54 -3.10
CA LYS B 149 53.80 -7.27 -3.49
C LYS B 149 53.52 -8.76 -3.67
N GLN B 150 52.52 -9.29 -2.98
CA GLN B 150 52.14 -10.69 -3.18
C GLN B 150 51.37 -10.90 -4.47
N LEU B 151 50.82 -9.84 -5.05
CA LEU B 151 50.08 -9.92 -6.30
C LEU B 151 50.93 -9.55 -7.51
N GLU B 152 52.24 -9.35 -7.32
CA GLU B 152 53.10 -9.00 -8.44
C GLU B 152 53.23 -10.16 -9.42
N GLY B 153 53.75 -11.29 -8.95
CA GLY B 153 53.88 -12.46 -9.80
C GLY B 153 52.69 -13.38 -9.67
N GLN B 154 51.50 -12.86 -9.96
CA GLN B 154 50.24 -13.58 -9.81
C GLN B 154 49.45 -13.54 -11.11
N SER B 155 50.13 -13.84 -12.22
CA SER B 155 49.44 -13.87 -13.51
C SER B 155 48.38 -14.95 -13.57
N ASP B 156 48.56 -16.04 -12.81
CA ASP B 156 47.56 -17.10 -12.77
C ASP B 156 46.26 -16.61 -12.15
N LEU B 157 46.34 -15.64 -11.23
CA LEU B 157 45.14 -15.07 -10.65
C LEU B 157 44.32 -14.35 -11.72
N GLY B 158 43.00 -14.39 -11.58
CA GLY B 158 42.13 -13.80 -12.56
C GLY B 158 41.28 -12.66 -12.02
N PHE B 159 40.00 -12.66 -12.39
CA PHE B 159 39.07 -11.63 -11.97
C PHE B 159 37.78 -12.28 -11.52
N ALA B 160 37.03 -11.55 -10.70
CA ALA B 160 35.73 -12.04 -10.25
C ALA B 160 34.63 -11.86 -11.28
N GLY B 161 34.86 -11.08 -12.33
CA GLY B 161 33.85 -10.85 -13.34
C GLY B 161 34.12 -9.54 -14.07
N PHE B 162 33.07 -9.02 -14.69
CA PHE B 162 33.19 -7.79 -15.45
C PHE B 162 31.84 -7.06 -15.47
N ARG B 163 31.90 -5.76 -15.74
CA ARG B 163 30.72 -4.93 -15.91
C ARG B 163 30.88 -4.08 -17.16
N VAL B 164 29.75 -3.77 -17.81
CA VAL B 164 29.73 -3.06 -19.07
C VAL B 164 28.96 -1.76 -18.89
N PHE B 165 29.53 -0.66 -19.36
CA PHE B 165 28.93 0.66 -19.26
C PHE B 165 28.45 1.14 -20.63
N LYS B 166 27.53 2.08 -20.61
CA LYS B 166 26.93 2.62 -21.83
C LYS B 166 27.59 3.94 -22.21
N ALA B 167 27.19 4.47 -23.37
CA ALA B 167 27.87 5.63 -23.95
C ALA B 167 27.81 6.88 -23.09
N PRO B 168 26.65 7.35 -22.61
CA PRO B 168 26.64 8.62 -21.87
C PRO B 168 27.50 8.60 -20.61
N GLU B 169 27.57 7.47 -19.91
CA GLU B 169 28.39 7.33 -18.70
C GLU B 169 29.20 6.05 -18.86
N LEU B 170 30.42 6.18 -19.38
CA LEU B 170 31.26 5.03 -19.69
C LEU B 170 32.02 4.48 -18.49
N ALA B 171 32.02 5.18 -17.35
CA ALA B 171 32.76 4.70 -16.20
C ALA B 171 32.04 4.90 -14.87
N ARG B 172 30.73 5.18 -14.87
CA ARG B 172 30.02 5.48 -13.64
C ARG B 172 29.00 4.41 -13.28
N ARG B 173 28.05 4.11 -14.17
CA ARG B 173 27.02 3.13 -13.91
C ARG B 173 27.03 2.08 -15.02
N ASP B 174 27.03 0.81 -14.63
CA ASP B 174 27.09 -0.29 -15.58
C ASP B 174 25.68 -0.78 -15.89
N VAL B 175 25.50 -1.22 -17.14
CA VAL B 175 24.20 -1.71 -17.59
C VAL B 175 24.16 -3.23 -17.54
N VAL B 176 25.31 -3.87 -17.75
CA VAL B 176 25.42 -5.32 -17.73
C VAL B 176 26.55 -5.69 -16.78
N SER B 177 26.27 -6.63 -15.88
CA SER B 177 27.25 -7.09 -14.90
C SER B 177 27.27 -8.61 -14.86
N PHE B 178 28.47 -9.19 -14.81
CA PHE B 178 28.67 -10.63 -14.72
C PHE B 178 29.51 -10.88 -13.46
N LEU B 179 28.85 -11.01 -12.32
CA LEU B 179 29.53 -11.20 -11.05
C LEU B 179 28.98 -12.45 -10.37
N GLY B 180 29.89 -13.27 -9.85
CA GLY B 180 29.48 -14.48 -9.14
C GLY B 180 29.87 -15.75 -9.86
N ALA B 181 29.28 -16.87 -9.45
CA ALA B 181 29.55 -18.15 -10.10
C ALA B 181 29.14 -18.12 -11.56
N SER B 182 27.83 -17.97 -11.80
CA SER B 182 27.32 -17.81 -13.16
C SER B 182 26.27 -16.71 -13.26
N TYR B 183 26.06 -15.95 -12.18
CA TYR B 183 25.04 -14.91 -12.18
C TYR B 183 25.44 -13.76 -13.11
N PHE B 184 24.46 -13.26 -13.85
CA PHE B 184 24.64 -12.05 -14.64
C PHE B 184 23.35 -11.23 -14.58
N ARG B 185 23.50 -9.92 -14.46
CA ARG B 185 22.36 -9.02 -14.33
C ARG B 185 22.47 -7.91 -15.37
N ALA B 186 21.31 -7.43 -15.81
CA ALA B 186 21.23 -6.30 -16.72
C ALA B 186 20.10 -5.38 -16.26
N VAL B 187 20.14 -4.14 -16.74
CA VAL B 187 19.22 -3.11 -16.29
C VAL B 187 18.50 -2.50 -17.49
N ASP B 188 17.36 -1.88 -17.21
CA ASP B 188 16.61 -1.13 -18.19
C ASP B 188 17.07 0.32 -18.18
N ASP B 189 16.30 1.20 -18.83
CA ASP B 189 16.66 2.62 -18.87
C ASP B 189 16.58 3.29 -17.49
N THR B 190 15.97 2.65 -16.50
CA THR B 190 15.96 3.16 -15.14
C THR B 190 17.14 2.69 -14.32
N TYR B 191 18.01 1.86 -14.90
CA TYR B 191 19.17 1.26 -14.20
C TYR B 191 18.62 0.45 -13.03
N GLN B 192 19.17 0.58 -11.82
CA GLN B 192 18.63 -0.05 -10.63
C GLN B 192 18.56 -1.58 -10.78
N TYR B 193 19.75 -2.17 -10.81
CA TYR B 193 19.92 -3.62 -10.85
C TYR B 193 18.93 -4.32 -9.94
N GLY B 194 18.21 -5.28 -10.51
CA GLY B 194 17.21 -6.02 -9.76
C GLY B 194 17.49 -7.52 -9.68
N LEU B 195 16.64 -8.32 -10.30
CA LEU B 195 16.81 -9.76 -10.27
C LEU B 195 17.99 -10.17 -11.14
N SER B 196 18.52 -11.35 -10.86
CA SER B 196 19.70 -11.88 -11.54
C SER B 196 19.34 -13.16 -12.28
N ALA B 197 20.17 -13.51 -13.26
CA ALA B 197 20.02 -14.73 -14.02
C ALA B 197 21.36 -15.45 -14.07
N ARG B 198 21.33 -16.77 -14.05
CA ARG B 198 22.53 -17.59 -14.12
C ARG B 198 22.58 -18.33 -15.46
N GLY B 199 23.76 -18.86 -15.77
CA GLY B 199 23.91 -19.64 -16.99
C GLY B 199 23.36 -21.05 -16.88
N LEU B 200 23.34 -21.61 -15.67
CA LEU B 200 22.83 -22.96 -15.48
C LEU B 200 22.46 -23.14 -14.02
N ALA B 201 21.62 -24.14 -13.77
CA ALA B 201 21.22 -24.51 -12.41
C ALA B 201 21.24 -26.03 -12.31
N ILE B 202 21.90 -26.55 -11.27
CA ILE B 202 22.05 -27.98 -11.06
C ILE B 202 21.49 -28.33 -9.70
N ASP B 203 20.57 -29.31 -9.68
CA ASP B 203 20.00 -29.85 -8.44
C ASP B 203 19.40 -28.74 -7.58
N THR B 204 18.57 -27.89 -8.21
CA THR B 204 17.99 -26.76 -7.50
C THR B 204 17.08 -27.23 -6.35
N TYR B 205 16.28 -28.26 -6.60
CA TYR B 205 15.38 -28.81 -5.58
C TYR B 205 15.48 -30.33 -5.66
N THR B 206 16.40 -30.89 -4.88
CA THR B 206 16.57 -32.34 -4.81
C THR B 206 17.10 -32.69 -3.43
N ASP B 207 17.17 -33.99 -3.15
CA ASP B 207 17.68 -34.45 -1.85
C ASP B 207 19.15 -34.10 -1.67
N SER B 208 19.88 -33.94 -2.77
CA SER B 208 21.29 -33.56 -2.70
C SER B 208 21.43 -32.05 -2.54
N LYS B 209 22.68 -31.62 -2.33
CA LYS B 209 22.96 -30.21 -2.14
C LYS B 209 23.05 -29.49 -3.49
N GLU B 210 22.96 -28.16 -3.42
CA GLU B 210 23.07 -27.34 -4.61
C GLU B 210 24.49 -27.37 -5.16
N GLU B 211 24.59 -27.44 -6.50
CA GLU B 211 25.86 -27.36 -7.20
C GLU B 211 25.83 -26.11 -8.07
N PHE B 212 26.86 -25.26 -7.93
CA PHE B 212 26.88 -23.99 -8.64
C PHE B 212 27.87 -24.06 -9.79
N PRO B 213 27.42 -24.03 -11.05
CA PRO B 213 28.36 -23.95 -12.16
C PRO B 213 29.11 -22.64 -12.15
N ASP B 214 30.35 -22.69 -12.65
CA ASP B 214 31.25 -21.54 -12.64
C ASP B 214 31.57 -21.11 -14.07
N PHE B 215 31.57 -19.80 -14.30
CA PHE B 215 32.05 -19.23 -15.56
C PHE B 215 33.55 -19.04 -15.42
N THR B 216 34.31 -20.07 -15.82
CA THR B 216 35.74 -20.08 -15.57
C THR B 216 36.53 -19.19 -16.51
N ALA B 217 35.96 -18.78 -17.64
CA ALA B 217 36.69 -17.95 -18.59
C ALA B 217 35.71 -17.11 -19.38
N PHE B 218 36.22 -16.02 -19.95
CA PHE B 218 35.42 -15.09 -20.75
C PHE B 218 36.24 -14.62 -21.95
N TRP B 219 35.62 -14.64 -23.12
CA TRP B 219 36.21 -14.12 -24.34
C TRP B 219 35.39 -12.93 -24.80
N PHE B 220 36.04 -11.77 -24.96
CA PHE B 220 35.36 -10.54 -25.32
C PHE B 220 35.71 -10.16 -26.75
N ASP B 221 34.71 -10.10 -27.61
CA ASP B 221 34.90 -9.57 -28.95
C ASP B 221 35.06 -8.05 -28.88
N THR B 222 36.02 -7.53 -29.64
CA THR B 222 36.26 -6.10 -29.65
C THR B 222 35.04 -5.37 -30.18
N VAL B 223 34.58 -4.36 -29.45
CA VAL B 223 33.38 -3.65 -29.84
C VAL B 223 33.68 -2.74 -31.03
N LYS B 224 32.77 -2.72 -32.00
CA LYS B 224 32.94 -1.86 -33.15
C LYS B 224 32.73 -0.40 -32.74
N PRO B 225 33.35 0.54 -33.46
CA PRO B 225 33.13 1.95 -33.16
C PRO B 225 31.66 2.33 -33.35
N GLY B 226 31.10 2.98 -32.34
CA GLY B 226 29.70 3.36 -32.38
C GLY B 226 28.75 2.20 -32.44
N ALA B 227 29.05 1.11 -31.75
CA ALA B 227 28.23 -0.09 -31.75
C ALA B 227 27.51 -0.24 -30.42
N THR B 228 26.20 -0.43 -30.48
CA THR B 228 25.42 -0.63 -29.27
C THR B 228 25.64 -2.02 -28.68
N THR B 229 25.77 -3.03 -29.55
CA THR B 229 25.86 -4.42 -29.10
C THR B 229 27.32 -4.86 -28.98
N PHE B 230 27.51 -5.93 -28.22
CA PHE B 230 28.81 -6.57 -28.08
C PHE B 230 28.61 -8.05 -27.80
N THR B 231 29.62 -8.84 -28.15
CA THR B 231 29.57 -10.30 -28.04
C THR B 231 30.62 -10.76 -27.04
N VAL B 232 30.22 -11.63 -26.12
CA VAL B 232 31.12 -12.20 -25.13
C VAL B 232 30.91 -13.71 -25.09
N TYR B 233 31.99 -14.47 -25.12
CA TYR B 233 31.96 -15.92 -25.04
C TYR B 233 32.37 -16.36 -23.64
N ALA B 234 31.61 -17.30 -23.08
CA ALA B 234 31.84 -17.79 -21.73
C ALA B 234 32.00 -19.30 -21.73
N LEU B 235 32.95 -19.78 -20.92
CA LEU B 235 33.17 -21.21 -20.72
C LEU B 235 32.65 -21.58 -19.33
N LEU B 236 31.64 -22.44 -19.29
CA LEU B 236 31.02 -22.85 -18.04
C LEU B 236 31.60 -24.19 -17.60
N ASP B 237 32.04 -24.28 -16.36
CA ASP B 237 32.60 -25.50 -15.80
C ASP B 237 31.94 -25.79 -14.46
N SER B 238 31.67 -27.07 -14.21
CA SER B 238 31.04 -27.51 -12.98
C SER B 238 31.47 -28.95 -12.70
N ALA B 239 31.16 -29.41 -11.49
CA ALA B 239 31.55 -30.75 -11.08
C ALA B 239 30.85 -31.84 -11.88
N SER B 240 29.74 -31.52 -12.54
CA SER B 240 28.97 -32.52 -13.27
C SER B 240 28.58 -32.08 -14.67
N ILE B 241 28.88 -30.86 -15.08
CA ILE B 241 28.50 -30.37 -16.40
C ILE B 241 29.49 -29.30 -16.84
N THR B 242 29.76 -29.27 -18.14
CA THR B 242 30.54 -28.20 -18.76
C THR B 242 29.77 -27.68 -19.97
N GLY B 243 29.94 -26.40 -20.27
CA GLY B 243 29.22 -25.79 -21.36
C GLY B 243 29.99 -24.65 -21.99
N ALA B 244 29.62 -24.35 -23.23
CA ALA B 244 30.17 -23.22 -23.98
C ALA B 244 29.03 -22.24 -24.24
N TYR B 245 29.18 -21.00 -23.75
CA TYR B 245 28.14 -20.00 -23.83
C TYR B 245 28.55 -18.86 -24.74
N LYS B 246 27.61 -18.38 -25.55
CA LYS B 246 27.82 -17.23 -26.41
C LYS B 246 26.73 -16.21 -26.11
N PHE B 247 27.13 -15.00 -25.73
CA PHE B 247 26.20 -13.94 -25.40
C PHE B 247 26.34 -12.80 -26.40
N THR B 248 25.22 -12.43 -27.01
CA THR B 248 25.14 -11.27 -27.90
C THR B 248 24.22 -10.26 -27.22
N ILE B 249 24.81 -9.28 -26.54
CA ILE B 249 24.07 -8.36 -25.68
C ILE B 249 23.88 -7.04 -26.42
N HIS B 250 22.63 -6.64 -26.58
CA HIS B 250 22.28 -5.35 -27.18
C HIS B 250 21.79 -4.42 -26.08
N CYS B 251 22.46 -3.28 -25.92
CA CYS B 251 22.11 -2.31 -24.89
C CYS B 251 21.27 -1.21 -25.53
N GLU B 252 20.00 -1.52 -25.77
CA GLU B 252 19.10 -0.59 -26.42
C GLU B 252 18.76 0.57 -25.48
N LYS B 253 18.00 1.54 -26.00
CA LYS B 253 17.69 2.74 -25.24
C LYS B 253 16.85 2.42 -24.00
N SER B 254 15.86 1.54 -24.15
CA SER B 254 14.92 1.26 -23.07
C SER B 254 15.05 -0.14 -22.51
N GLN B 255 15.90 -0.99 -23.09
CA GLN B 255 16.00 -2.38 -22.65
C GLN B 255 17.38 -2.91 -23.01
N VAL B 256 17.73 -4.04 -22.40
CA VAL B 256 18.93 -4.78 -22.74
C VAL B 256 18.48 -6.16 -23.23
N ILE B 257 18.86 -6.50 -24.46
CA ILE B 257 18.49 -7.76 -25.08
C ILE B 257 19.73 -8.62 -25.21
N MET B 258 19.67 -9.83 -24.66
CA MET B 258 20.79 -10.77 -24.67
C MET B 258 20.38 -12.00 -25.47
N ASP B 259 21.19 -12.33 -26.49
CA ASP B 259 21.01 -13.56 -27.25
C ASP B 259 21.97 -14.59 -26.68
N VAL B 260 21.43 -15.66 -26.12
CA VAL B 260 22.21 -16.67 -25.41
C VAL B 260 22.11 -17.97 -26.18
N GLU B 261 23.27 -18.52 -26.57
CA GLU B 261 23.37 -19.84 -27.17
C GLU B 261 24.39 -20.64 -26.37
N ASN B 262 23.99 -21.84 -25.92
CA ASN B 262 24.84 -22.67 -25.09
C ASN B 262 24.94 -24.07 -25.65
N HIS B 263 26.02 -24.76 -25.28
CA HIS B 263 26.26 -26.15 -25.67
C HIS B 263 26.77 -26.89 -24.44
N LEU B 264 25.86 -27.56 -23.74
CA LEU B 264 26.19 -28.22 -22.49
C LEU B 264 26.64 -29.65 -22.74
N TYR B 265 27.70 -30.05 -22.04
CA TYR B 265 28.25 -31.40 -22.11
C TYR B 265 28.26 -31.99 -20.71
N ALA B 266 27.41 -32.98 -20.48
CA ALA B 266 27.28 -33.56 -19.15
C ALA B 266 28.48 -34.44 -18.83
N ARG B 267 29.08 -34.21 -17.66
CA ARG B 267 30.21 -35.01 -17.21
C ARG B 267 29.76 -36.17 -16.33
N LYS B 268 28.72 -35.96 -15.52
CA LYS B 268 28.16 -36.99 -14.66
C LYS B 268 26.65 -36.98 -14.81
N ASP B 269 25.99 -37.97 -14.19
CA ASP B 269 24.55 -38.02 -14.21
C ASP B 269 23.98 -36.90 -13.36
N ILE B 270 23.04 -36.14 -13.93
CA ILE B 270 22.44 -34.99 -13.27
C ILE B 270 20.97 -35.28 -13.06
N LYS B 271 20.54 -35.25 -11.80
CA LYS B 271 19.15 -35.55 -11.45
C LYS B 271 18.21 -34.37 -11.62
N GLN B 272 18.74 -33.15 -11.72
CA GLN B 272 17.89 -31.98 -11.98
C GLN B 272 18.75 -30.94 -12.69
N LEU B 273 18.28 -30.50 -13.85
CA LEU B 273 19.01 -29.54 -14.69
C LEU B 273 18.10 -28.37 -15.00
N GLY B 274 18.62 -27.16 -14.84
CA GLY B 274 17.84 -25.96 -15.10
C GLY B 274 18.42 -25.11 -16.20
N ILE B 275 17.60 -24.82 -17.22
CA ILE B 275 18.03 -24.05 -18.38
C ILE B 275 17.51 -22.63 -18.22
N ALA B 276 18.41 -21.66 -18.38
CA ALA B 276 18.11 -20.24 -18.19
C ALA B 276 17.45 -19.97 -16.84
N PRO B 277 18.14 -20.27 -15.74
CA PRO B 277 17.54 -20.02 -14.41
C PRO B 277 17.40 -18.53 -14.13
N MET B 278 16.37 -18.20 -13.36
CA MET B 278 16.09 -16.84 -12.95
C MET B 278 16.08 -16.77 -11.43
N THR B 279 16.86 -15.85 -10.88
CA THR B 279 16.96 -15.68 -9.43
C THR B 279 16.42 -14.30 -9.06
N SER B 280 15.44 -14.26 -8.16
CA SER B 280 14.80 -13.02 -7.77
C SER B 280 14.48 -13.08 -6.28
N MET B 281 13.78 -12.07 -5.79
CA MET B 281 13.43 -11.96 -4.38
C MET B 281 11.96 -11.58 -4.25
N PHE B 282 11.28 -12.17 -3.27
CA PHE B 282 9.89 -11.83 -2.97
C PHE B 282 9.70 -11.95 -1.47
N SER B 283 9.54 -10.81 -0.79
CA SER B 283 9.30 -10.79 0.64
C SER B 283 7.85 -10.46 0.99
N CYS B 284 7.32 -9.38 0.42
CA CYS B 284 5.94 -8.99 0.67
C CYS B 284 5.40 -8.29 -0.57
N GLY B 285 4.08 -8.26 -0.66
CA GLY B 285 3.44 -7.62 -1.81
C GLY B 285 1.95 -7.81 -1.75
N THR B 286 1.30 -7.55 -2.88
CA THR B 286 -0.14 -7.74 -3.02
C THR B 286 -0.38 -9.25 -3.13
N ASN B 287 -0.38 -9.90 -1.97
CA ASN B 287 -0.53 -11.34 -1.84
C ASN B 287 -0.76 -11.63 -0.35
N GLU B 288 -0.67 -12.89 0.03
CA GLU B 288 -0.67 -13.24 1.45
C GLU B 288 0.51 -12.58 2.14
N ARG B 289 0.23 -11.64 3.05
CA ARG B 289 1.27 -10.87 3.72
C ARG B 289 1.52 -11.47 5.11
N ARG B 290 2.37 -12.49 5.15
CA ARG B 290 2.81 -13.05 6.42
C ARG B 290 4.11 -12.42 6.92
N MET B 291 4.76 -11.59 6.11
CA MET B 291 5.90 -10.78 6.53
C MET B 291 5.62 -9.36 6.06
N CYS B 292 4.90 -8.59 6.89
CA CYS B 292 4.57 -7.22 6.56
C CYS B 292 4.89 -6.24 7.69
N ASP B 293 5.65 -6.67 8.69
CA ASP B 293 6.02 -5.81 9.82
C ASP B 293 7.24 -4.98 9.44
N THR B 294 7.02 -4.05 8.51
CA THR B 294 8.08 -3.16 8.05
C THR B 294 7.45 -1.90 7.46
N ILE B 295 8.28 -0.87 7.32
CA ILE B 295 7.78 0.40 6.80
C ILE B 295 7.50 0.35 5.32
N HIS B 296 7.98 -0.67 4.62
CA HIS B 296 7.77 -0.80 3.18
C HIS B 296 6.54 -1.64 2.91
N PRO B 297 5.51 -1.10 2.25
CA PRO B 297 4.32 -1.91 1.97
C PRO B 297 4.61 -3.16 1.14
N GLN B 298 5.54 -3.07 0.19
CA GLN B 298 5.89 -4.21 -0.66
C GLN B 298 7.40 -4.28 -0.82
N ILE B 299 7.96 -5.47 -0.66
CA ILE B 299 9.39 -5.72 -0.86
C ILE B 299 9.50 -6.95 -1.77
N HIS B 300 9.82 -6.72 -3.04
CA HIS B 300 10.01 -7.81 -3.99
C HIS B 300 10.67 -7.29 -5.24
N ASP B 301 11.66 -8.04 -5.74
CA ASP B 301 12.25 -7.75 -7.04
C ASP B 301 11.35 -8.22 -8.18
N SER B 302 10.43 -9.15 -7.90
CA SER B 302 9.47 -9.64 -8.88
C SER B 302 8.23 -10.08 -8.13
N ASP B 303 7.06 -9.85 -8.72
CA ASP B 303 5.80 -10.16 -8.07
C ASP B 303 5.01 -11.27 -8.73
N ARG B 304 5.33 -11.66 -9.96
CA ARG B 304 4.56 -12.67 -10.66
C ARG B 304 5.46 -13.43 -11.61
N LEU B 305 4.99 -14.63 -11.99
CA LEU B 305 5.64 -15.46 -12.99
C LEU B 305 4.67 -15.61 -14.16
N SER B 306 5.05 -15.07 -15.32
CA SER B 306 4.22 -15.12 -16.51
C SER B 306 4.76 -16.18 -17.46
N MET B 307 3.87 -17.04 -17.94
CA MET B 307 4.24 -18.14 -18.83
C MET B 307 3.41 -18.07 -20.10
N TRP B 308 4.06 -18.33 -21.24
CA TRP B 308 3.41 -18.42 -22.53
C TRP B 308 3.57 -19.85 -23.02
N ARG B 309 2.53 -20.67 -22.84
CA ARG B 309 2.61 -22.08 -23.18
C ARG B 309 2.61 -22.29 -24.69
N GLY B 310 2.89 -23.53 -25.08
CA GLY B 310 2.94 -23.84 -26.50
C GLY B 310 1.60 -23.71 -27.19
N ASN B 311 0.52 -24.05 -26.49
CA ASN B 311 -0.82 -23.95 -27.06
C ASN B 311 -1.29 -22.50 -27.20
N GLY B 312 -0.56 -21.55 -26.64
CA GLY B 312 -0.94 -20.15 -26.71
C GLY B 312 -1.62 -19.59 -25.48
N GLU B 313 -1.69 -20.35 -24.39
CA GLU B 313 -2.35 -19.91 -23.18
C GLU B 313 -1.38 -19.13 -22.30
N TRP B 314 -1.80 -17.96 -21.85
CA TRP B 314 -1.00 -17.14 -20.95
C TRP B 314 -1.41 -17.43 -19.51
N ILE B 315 -0.43 -17.65 -18.65
CA ILE B 315 -0.65 -18.00 -17.25
C ILE B 315 0.03 -16.97 -16.37
N CYS B 316 -0.72 -16.42 -15.43
CA CYS B 316 -0.21 -15.47 -14.44
C CYS B 316 -0.08 -16.18 -13.10
N ARG B 317 1.15 -16.29 -12.60
CA ARG B 317 1.43 -16.96 -11.33
C ARG B 317 2.06 -15.96 -10.37
N PRO B 318 1.30 -15.36 -9.47
CA PRO B 318 1.90 -14.46 -8.48
C PRO B 318 2.88 -15.20 -7.58
N LEU B 319 3.98 -14.53 -7.25
CA LEU B 319 4.97 -15.12 -6.36
C LEU B 319 4.47 -15.09 -4.92
N ASN B 320 5.00 -16.02 -4.13
CA ASN B 320 4.60 -16.16 -2.74
C ASN B 320 5.83 -16.28 -1.85
N ASN B 321 5.66 -15.90 -0.59
CA ASN B 321 6.68 -16.08 0.43
C ASN B 321 6.18 -17.12 1.43
N PRO B 322 6.31 -18.41 1.12
CA PRO B 322 5.71 -19.45 1.96
C PRO B 322 6.47 -19.62 3.27
N GLN B 323 5.78 -20.24 4.23
CA GLN B 323 6.41 -20.57 5.50
C GLN B 323 7.37 -21.73 5.37
N LYS B 324 7.18 -22.60 4.37
CA LYS B 324 8.04 -23.74 4.14
C LYS B 324 8.52 -23.73 2.69
N LEU B 325 9.64 -24.40 2.45
CA LEU B 325 10.20 -24.47 1.10
C LEU B 325 9.21 -25.14 0.16
N GLN B 326 9.00 -24.52 -1.01
CA GLN B 326 8.03 -24.99 -1.98
C GLN B 326 8.67 -25.07 -3.36
N PHE B 327 8.34 -26.13 -4.09
CA PHE B 327 8.78 -26.32 -5.46
C PHE B 327 7.58 -26.68 -6.31
N ASN B 328 7.42 -25.98 -7.44
CA ASN B 328 6.30 -26.20 -8.34
C ASN B 328 6.81 -26.39 -9.75
N ALA B 329 6.33 -27.43 -10.42
CA ALA B 329 6.68 -27.74 -11.80
C ALA B 329 5.46 -27.59 -12.68
N TYR B 330 5.58 -26.81 -13.75
CA TYR B 330 4.50 -26.55 -14.69
C TYR B 330 4.87 -27.18 -16.03
N THR B 331 4.12 -28.21 -16.42
CA THR B 331 4.44 -28.95 -17.63
C THR B 331 4.15 -28.12 -18.87
N ASP B 332 5.11 -28.11 -19.79
CA ASP B 332 4.96 -27.42 -21.07
C ASP B 332 5.59 -28.26 -22.17
N ASN B 333 5.05 -28.12 -23.39
CA ASN B 333 5.53 -28.88 -24.53
C ASN B 333 6.43 -28.07 -25.46
N ASN B 334 6.21 -26.76 -25.56
CA ASN B 334 7.03 -25.88 -26.37
C ASN B 334 6.85 -24.45 -25.88
N PRO B 335 7.49 -24.06 -24.77
CA PRO B 335 7.22 -22.75 -24.19
C PRO B 335 7.65 -21.62 -25.11
N LYS B 336 6.68 -20.77 -25.46
CA LYS B 336 6.98 -19.61 -26.28
C LYS B 336 7.63 -18.49 -25.49
N GLY B 337 7.56 -18.53 -24.16
CA GLY B 337 8.16 -17.50 -23.34
C GLY B 337 7.77 -17.59 -21.88
N PHE B 338 8.70 -17.25 -20.99
CA PHE B 338 8.43 -17.24 -19.56
C PHE B 338 9.42 -16.31 -18.89
N GLY B 339 9.07 -15.88 -17.69
CA GLY B 339 9.96 -15.01 -16.93
C GLY B 339 9.26 -14.42 -15.73
N LEU B 340 10.07 -13.78 -14.89
CA LEU B 340 9.57 -13.09 -13.70
C LEU B 340 9.42 -11.61 -14.00
N LEU B 341 8.26 -11.07 -13.66
CA LEU B 341 7.91 -9.71 -14.03
C LEU B 341 7.69 -8.85 -12.80
N GLN B 342 8.07 -7.57 -12.92
CA GLN B 342 7.82 -6.55 -11.90
C GLN B 342 6.87 -5.53 -12.53
N LEU B 343 5.57 -5.79 -12.43
CA LEU B 343 4.57 -4.97 -13.09
C LEU B 343 4.12 -3.77 -12.25
N ASP B 344 4.53 -3.68 -10.99
CA ASP B 344 4.18 -2.57 -10.12
C ASP B 344 5.34 -1.58 -10.13
N ARG B 345 5.19 -0.51 -10.91
CA ARG B 345 6.23 0.50 -11.05
C ARG B 345 5.95 1.75 -10.22
N ASP B 346 4.91 1.72 -9.39
CA ASP B 346 4.56 2.88 -8.58
C ASP B 346 5.42 2.92 -7.31
N PHE B 347 6.04 4.07 -7.05
CA PHE B 347 6.93 4.20 -5.92
C PHE B 347 6.18 4.09 -4.59
N SER B 348 4.96 4.63 -4.54
CA SER B 348 4.23 4.68 -3.27
C SER B 348 3.87 3.30 -2.76
N HIS B 349 3.93 2.26 -3.61
CA HIS B 349 3.68 0.90 -3.18
C HIS B 349 4.88 0.26 -2.49
N TYR B 350 6.06 0.86 -2.60
CA TYR B 350 7.27 0.34 -1.99
C TYR B 350 7.84 1.23 -0.90
N GLN B 351 7.85 2.54 -1.11
CA GLN B 351 8.36 3.51 -0.13
C GLN B 351 9.81 3.20 0.25
N ASP B 352 10.60 2.80 -0.72
CA ASP B 352 12.02 2.51 -0.52
C ASP B 352 12.85 3.45 -1.38
N ILE B 353 13.83 4.11 -0.77
CA ILE B 353 14.72 5.01 -1.48
C ILE B 353 16.14 4.48 -1.58
N MET B 354 16.46 3.39 -0.88
CA MET B 354 17.77 2.76 -0.98
C MET B 354 17.78 1.61 -1.97
N GLY B 355 16.67 0.90 -2.13
CA GLY B 355 16.61 -0.22 -3.04
C GLY B 355 15.95 0.12 -4.36
N TRP B 356 14.94 0.99 -4.33
CA TRP B 356 14.19 1.42 -5.51
C TRP B 356 13.61 0.21 -6.26
N TYR B 357 12.74 -0.52 -5.55
CA TYR B 357 12.14 -1.71 -6.12
C TYR B 357 11.23 -1.38 -7.29
N ASN B 358 10.65 -0.18 -7.31
CA ASN B 358 9.78 0.22 -8.41
C ASN B 358 10.55 0.41 -9.72
N LYS B 359 11.85 0.67 -9.65
CA LYS B 359 12.67 0.88 -10.83
C LYS B 359 13.41 -0.38 -11.28
N ARG B 360 13.21 -1.49 -10.59
CA ARG B 360 13.91 -2.72 -10.94
C ARG B 360 13.31 -3.34 -12.20
N PRO B 361 14.14 -3.96 -13.04
CA PRO B 361 13.65 -4.48 -14.32
C PRO B 361 12.95 -5.82 -14.17
N SER B 362 12.32 -6.24 -15.26
CA SER B 362 11.68 -7.54 -15.37
C SER B 362 12.40 -8.36 -16.43
N LEU B 363 12.56 -9.65 -16.18
CA LEU B 363 13.29 -10.55 -17.07
C LEU B 363 12.31 -11.45 -17.80
N TRP B 364 12.47 -11.52 -19.12
CA TRP B 364 11.65 -12.38 -19.95
C TRP B 364 12.55 -13.27 -20.79
N VAL B 365 12.26 -14.57 -20.80
CA VAL B 365 13.03 -15.56 -21.54
C VAL B 365 12.21 -15.98 -22.76
N GLU B 366 12.79 -15.77 -23.94
CA GLU B 366 12.12 -16.13 -25.20
C GLU B 366 12.95 -17.19 -25.91
N PRO B 367 12.56 -18.46 -25.84
CA PRO B 367 13.31 -19.51 -26.54
C PRO B 367 13.30 -19.27 -28.05
N ARG B 368 14.45 -19.56 -28.67
CA ARG B 368 14.57 -19.38 -30.12
C ARG B 368 14.21 -20.63 -30.90
N ASN B 369 14.34 -21.80 -30.28
CA ASN B 369 14.02 -23.08 -30.93
C ASN B 369 13.02 -23.85 -30.07
N LYS B 370 12.51 -24.94 -30.64
CA LYS B 370 11.58 -25.79 -29.91
C LYS B 370 12.33 -26.54 -28.82
N TRP B 371 11.98 -26.27 -27.56
CA TRP B 371 12.66 -26.86 -26.43
C TRP B 371 12.12 -28.23 -26.05
N GLY B 372 11.01 -28.65 -26.64
CA GLY B 372 10.46 -29.96 -26.35
C GLY B 372 9.75 -30.01 -25.02
N LYS B 373 9.39 -31.24 -24.62
CA LYS B 373 8.67 -31.46 -23.38
C LYS B 373 9.55 -31.11 -22.19
N GLY B 374 8.93 -30.57 -21.15
CA GLY B 374 9.66 -30.20 -19.95
C GLY B 374 8.73 -29.48 -18.98
N THR B 375 9.34 -29.01 -17.89
CA THR B 375 8.61 -28.32 -16.83
C THR B 375 9.34 -27.03 -16.48
N ILE B 376 8.57 -26.00 -16.18
CA ILE B 376 9.11 -24.72 -15.71
C ILE B 376 9.12 -24.77 -14.19
N GLY B 377 10.30 -25.00 -13.61
CA GLY B 377 10.41 -25.07 -12.18
C GLY B 377 10.27 -23.72 -11.52
N LEU B 378 9.81 -23.74 -10.26
CA LEU B 378 9.64 -22.50 -9.49
C LEU B 378 9.84 -22.86 -8.02
N MET B 379 11.00 -22.51 -7.48
CA MET B 379 11.33 -22.78 -6.09
C MET B 379 11.18 -21.51 -5.26
N GLU B 380 10.38 -21.59 -4.20
CA GLU B 380 10.15 -20.47 -3.30
C GLU B 380 10.68 -20.84 -1.93
N ILE B 381 11.59 -20.03 -1.40
CA ILE B 381 12.20 -20.26 -0.09
C ILE B 381 11.61 -19.26 0.90
N PRO B 382 11.31 -19.68 2.13
CA PRO B 382 10.89 -18.70 3.14
C PRO B 382 11.97 -17.67 3.40
N THR B 383 11.54 -16.42 3.58
CA THR B 383 12.46 -15.32 3.82
C THR B 383 11.85 -14.36 4.82
N THR B 384 12.71 -13.56 5.45
CA THR B 384 12.30 -12.57 6.44
C THR B 384 12.43 -11.15 5.93
N GLY B 385 13.57 -10.81 5.32
CA GLY B 385 13.78 -9.47 4.82
C GLY B 385 14.00 -9.41 3.32
N GLU B 386 15.08 -8.77 2.90
CA GLU B 386 15.34 -8.57 1.47
C GLU B 386 16.76 -8.92 1.07
N THR B 387 17.57 -9.46 1.98
CA THR B 387 18.96 -9.79 1.69
C THR B 387 19.13 -11.19 1.11
N LEU B 388 18.06 -11.97 1.01
CA LEU B 388 18.13 -13.33 0.49
C LEU B 388 17.24 -13.43 -0.76
N ASP B 389 17.81 -13.95 -1.83
CA ASP B 389 17.08 -14.18 -3.08
C ASP B 389 16.40 -15.55 -2.98
N ASN B 390 15.09 -15.56 -2.76
CA ASN B 390 14.35 -16.77 -2.44
C ASN B 390 13.48 -17.26 -3.58
N ILE B 391 13.59 -16.68 -4.76
CA ILE B 391 12.79 -17.07 -5.92
C ILE B 391 13.72 -17.59 -7.00
N VAL B 392 13.53 -18.84 -7.40
CA VAL B 392 14.31 -19.46 -8.47
C VAL B 392 13.35 -20.05 -9.49
N CYS B 393 13.50 -19.64 -10.74
CA CYS B 393 12.69 -20.13 -11.84
C CYS B 393 13.61 -20.60 -12.97
N PHE B 394 13.34 -21.79 -13.50
CA PHE B 394 14.20 -22.37 -14.53
C PHE B 394 13.37 -23.34 -15.37
N TRP B 395 13.92 -23.70 -16.52
CA TRP B 395 13.31 -24.67 -17.42
C TRP B 395 14.04 -26.00 -17.28
N GLN B 396 13.29 -27.05 -16.97
CA GLN B 396 13.87 -28.38 -16.79
C GLN B 396 13.44 -29.30 -17.93
N PRO B 397 14.36 -29.76 -18.77
CA PRO B 397 13.98 -30.70 -19.82
C PRO B 397 13.45 -32.00 -19.25
N GLU B 398 12.48 -32.59 -19.95
CA GLU B 398 11.84 -33.81 -19.47
C GLU B 398 12.83 -34.98 -19.42
N LYS B 399 13.68 -35.09 -20.44
CA LYS B 399 14.60 -36.22 -20.51
C LYS B 399 15.64 -36.14 -19.39
N ALA B 400 15.91 -37.29 -18.78
CA ALA B 400 16.91 -37.35 -17.73
C ALA B 400 18.30 -37.15 -18.29
N VAL B 401 19.16 -36.50 -17.51
CA VAL B 401 20.51 -36.17 -17.93
C VAL B 401 21.45 -37.26 -17.44
N LYS B 402 22.15 -37.89 -18.38
CA LYS B 402 23.13 -38.92 -18.09
C LYS B 402 24.52 -38.45 -18.49
N ALA B 403 25.53 -39.23 -18.10
CA ALA B 403 26.90 -38.90 -18.44
C ALA B 403 27.11 -38.98 -19.95
N GLY B 404 27.82 -37.99 -20.49
CA GLY B 404 28.07 -37.93 -21.91
C GLY B 404 26.97 -37.30 -22.74
N ASP B 405 25.89 -36.84 -22.12
CA ASP B 405 24.79 -36.23 -22.85
C ASP B 405 25.20 -34.85 -23.36
N GLU B 406 24.55 -34.44 -24.46
CA GLU B 406 24.82 -33.15 -25.09
C GLU B 406 23.52 -32.37 -25.21
N PHE B 407 23.59 -31.06 -24.94
CA PHE B 407 22.44 -30.19 -24.99
C PHE B 407 22.81 -28.91 -25.74
N ALA B 408 21.79 -28.29 -26.34
CA ALA B 408 21.97 -27.03 -27.06
C ALA B 408 20.69 -26.22 -26.94
N PHE B 409 20.75 -25.10 -26.23
CA PHE B 409 19.59 -24.26 -25.99
C PHE B 409 19.89 -22.84 -26.45
N GLN B 410 18.97 -22.26 -27.22
CA GLN B 410 19.06 -20.88 -27.69
C GLN B 410 17.84 -20.13 -27.20
N TYR B 411 18.07 -18.99 -26.55
CA TYR B 411 16.98 -18.18 -26.04
C TYR B 411 17.41 -16.72 -26.01
N ARG B 412 16.41 -15.84 -25.96
CA ARG B 412 16.63 -14.41 -25.90
C ARG B 412 16.15 -13.89 -24.54
N LEU B 413 16.96 -13.04 -23.92
CA LEU B 413 16.64 -12.46 -22.62
C LEU B 413 16.33 -10.98 -22.78
N TYR B 414 15.20 -10.56 -22.22
CA TYR B 414 14.78 -9.16 -22.24
C TYR B 414 14.83 -8.61 -20.82
N TRP B 415 15.61 -7.56 -20.63
CA TRP B 415 15.80 -6.95 -19.31
C TRP B 415 15.16 -5.57 -19.31
N SER B 416 13.87 -5.52 -19.00
CA SER B 416 13.13 -4.27 -18.93
C SER B 416 11.75 -4.55 -18.36
N ALA B 417 11.15 -3.51 -17.80
CA ALA B 417 9.74 -3.58 -17.43
C ALA B 417 8.89 -3.63 -18.69
N GLN B 418 7.66 -4.13 -18.53
CA GLN B 418 6.73 -4.28 -19.65
C GLN B 418 7.35 -5.16 -20.74
N PRO B 419 7.44 -6.47 -20.51
CA PRO B 419 8.12 -7.37 -21.47
C PRO B 419 7.53 -7.24 -22.85
N PRO B 420 8.31 -7.58 -23.89
CA PRO B 420 7.85 -7.31 -25.27
C PRO B 420 6.55 -7.99 -25.64
N VAL B 421 6.29 -9.18 -25.09
CA VAL B 421 5.08 -9.94 -25.40
C VAL B 421 4.22 -10.04 -24.16
N HIS B 422 2.94 -9.70 -24.30
CA HIS B 422 1.96 -9.83 -23.24
C HIS B 422 0.68 -10.42 -23.82
N CYS B 423 -0.21 -10.85 -22.93
CA CYS B 423 -1.43 -11.50 -23.38
C CYS B 423 -2.34 -10.49 -24.08
N PRO B 424 -2.77 -10.76 -25.30
CA PRO B 424 -3.72 -9.85 -25.97
C PRO B 424 -5.06 -9.75 -25.25
N LEU B 425 -5.43 -10.76 -24.47
CA LEU B 425 -6.67 -10.74 -23.71
C LEU B 425 -6.47 -9.92 -22.44
N ALA B 426 -7.45 -10.00 -21.52
CA ALA B 426 -7.33 -9.29 -20.26
C ALA B 426 -6.19 -9.83 -19.43
N ARG B 427 -5.45 -8.94 -18.79
CA ARG B 427 -4.27 -9.30 -18.01
C ARG B 427 -4.53 -9.09 -16.53
N VAL B 428 -3.94 -9.96 -15.70
CA VAL B 428 -4.08 -9.83 -14.26
C VAL B 428 -3.24 -8.66 -13.77
N MET B 429 -3.86 -7.77 -12.98
CA MET B 429 -3.18 -6.61 -12.45
C MET B 429 -2.67 -6.83 -11.02
N ALA B 430 -3.50 -7.41 -10.15
CA ALA B 430 -3.10 -7.64 -8.77
C ALA B 430 -3.88 -8.83 -8.23
N THR B 431 -3.36 -9.40 -7.14
CA THR B 431 -3.96 -10.56 -6.48
C THR B 431 -3.99 -10.27 -4.98
N ARG B 432 -5.09 -9.67 -4.52
CA ARG B 432 -5.21 -9.29 -3.12
C ARG B 432 -5.96 -10.37 -2.35
N THR B 433 -5.37 -10.79 -1.23
CA THR B 433 -5.94 -11.83 -0.38
C THR B 433 -6.17 -11.26 1.02
N GLY B 434 -7.30 -11.61 1.61
CA GLY B 434 -7.62 -11.10 2.92
C GLY B 434 -8.76 -11.87 3.56
N MET B 435 -9.31 -11.29 4.62
CA MET B 435 -10.39 -11.92 5.36
C MET B 435 -11.66 -11.99 4.52
N GLY B 436 -12.41 -13.07 4.72
CA GLY B 436 -13.68 -13.25 4.04
C GLY B 436 -14.83 -13.48 4.99
N GLY B 437 -15.94 -14.00 4.48
CA GLY B 437 -17.10 -14.26 5.31
C GLY B 437 -17.99 -13.07 5.59
N PHE B 438 -17.82 -11.98 4.85
CA PHE B 438 -18.64 -10.79 5.04
C PHE B 438 -18.83 -10.10 3.71
N SER B 439 -19.87 -9.27 3.64
CA SER B 439 -20.12 -8.49 2.44
C SER B 439 -19.02 -7.46 2.22
N GLU B 440 -18.61 -7.29 0.97
CA GLU B 440 -17.54 -6.35 0.64
C GLU B 440 -17.96 -4.93 0.99
N GLY B 441 -17.07 -4.21 1.65
CA GLY B 441 -17.34 -2.85 2.09
C GLY B 441 -18.09 -2.73 3.39
N TRP B 442 -18.45 -3.84 4.03
CA TRP B 442 -19.19 -3.85 5.28
C TRP B 442 -18.56 -4.82 6.27
N ALA B 443 -17.24 -4.72 6.42
CA ALA B 443 -16.54 -5.57 7.36
C ALA B 443 -16.97 -5.25 8.78
N PRO B 444 -17.37 -6.24 9.58
CA PRO B 444 -17.82 -5.95 10.94
C PRO B 444 -16.71 -5.36 11.79
N GLY B 445 -17.09 -4.38 12.62
CA GLY B 445 -16.13 -3.69 13.46
C GLY B 445 -16.21 -4.09 14.92
N GLU B 446 -17.40 -4.42 15.39
CA GLU B 446 -17.58 -4.82 16.77
C GLU B 446 -17.21 -6.27 17.02
N HIS B 447 -17.06 -7.07 15.97
CA HIS B 447 -16.75 -8.48 16.13
C HIS B 447 -16.13 -9.00 14.84
N TYR B 448 -15.47 -10.14 14.95
CA TYR B 448 -14.91 -10.82 13.80
C TYR B 448 -16.00 -11.58 13.04
N PRO B 449 -15.78 -11.89 11.76
CA PRO B 449 -16.75 -12.70 11.03
C PRO B 449 -16.97 -14.05 11.68
N GLU B 450 -18.23 -14.50 11.68
CA GLU B 450 -18.58 -15.74 12.37
C GLU B 450 -17.93 -16.95 11.71
N LYS B 451 -17.94 -17.01 10.37
CA LYS B 451 -17.41 -18.14 9.62
C LYS B 451 -16.08 -17.75 9.00
N TRP B 452 -15.08 -18.61 9.16
CA TRP B 452 -13.77 -18.34 8.61
C TRP B 452 -13.75 -18.62 7.12
N ALA B 453 -13.24 -17.65 6.35
CA ALA B 453 -13.12 -17.81 4.90
C ALA B 453 -12.01 -16.88 4.42
N ARG B 454 -11.40 -17.26 3.31
CA ARG B 454 -10.34 -16.49 2.68
C ARG B 454 -10.86 -15.83 1.42
N ARG B 455 -10.67 -14.52 1.32
CA ARG B 455 -11.16 -13.75 0.19
C ARG B 455 -10.02 -13.43 -0.76
N PHE B 456 -10.21 -13.77 -2.04
CA PHE B 456 -9.22 -13.50 -3.08
C PHE B 456 -9.80 -12.49 -4.06
N ALA B 457 -9.06 -11.42 -4.30
CA ALA B 457 -9.45 -10.38 -5.25
C ALA B 457 -8.44 -10.33 -6.38
N VAL B 458 -8.91 -10.55 -7.61
CA VAL B 458 -8.06 -10.53 -8.79
C VAL B 458 -8.58 -9.46 -9.73
N ASP B 459 -7.70 -8.56 -10.16
CA ASP B 459 -8.06 -7.46 -11.05
C ASP B 459 -7.60 -7.77 -12.46
N PHE B 460 -8.53 -7.69 -13.41
CA PHE B 460 -8.24 -7.94 -14.82
C PHE B 460 -8.38 -6.65 -15.60
N VAL B 461 -7.36 -6.33 -16.40
CA VAL B 461 -7.35 -5.12 -17.21
C VAL B 461 -6.97 -5.48 -18.64
N GLY B 462 -7.43 -4.67 -19.58
CA GLY B 462 -7.11 -4.86 -20.97
C GLY B 462 -8.08 -5.79 -21.67
N GLY B 463 -7.70 -6.17 -22.89
CA GLY B 463 -8.54 -7.06 -23.68
C GLY B 463 -9.84 -6.39 -24.09
N ASP B 464 -10.89 -7.20 -24.17
CA ASP B 464 -12.21 -6.70 -24.56
C ASP B 464 -13.19 -6.83 -23.41
N LEU B 465 -12.75 -6.50 -22.20
CA LEU B 465 -13.59 -6.61 -21.01
C LEU B 465 -14.78 -5.66 -21.06
N LYS B 466 -14.57 -4.42 -21.51
CA LYS B 466 -15.68 -3.48 -21.58
C LYS B 466 -16.70 -3.89 -22.64
N ALA B 467 -16.24 -4.56 -23.70
CA ALA B 467 -17.16 -5.06 -24.72
C ALA B 467 -17.89 -6.30 -24.26
N ALA B 468 -17.24 -7.15 -23.46
CA ALA B 468 -17.84 -8.40 -23.00
C ALA B 468 -18.72 -8.23 -21.76
N ALA B 469 -18.66 -7.07 -21.11
CA ALA B 469 -19.50 -6.86 -19.93
C ALA B 469 -20.99 -6.93 -20.23
N PRO B 470 -21.53 -6.28 -21.28
CA PRO B 470 -22.96 -6.45 -21.57
C PRO B 470 -23.35 -7.88 -21.87
N LYS B 471 -22.47 -8.66 -22.51
CA LYS B 471 -22.79 -10.04 -22.84
C LYS B 471 -22.73 -10.93 -21.60
N GLY B 472 -21.93 -10.57 -20.62
CA GLY B 472 -21.83 -11.35 -19.40
C GLY B 472 -20.49 -12.03 -19.20
N ILE B 473 -19.67 -11.49 -18.31
CA ILE B 473 -18.37 -12.06 -18.01
C ILE B 473 -18.54 -13.11 -16.93
N GLU B 474 -18.31 -14.38 -17.28
CA GLU B 474 -18.46 -15.48 -16.34
C GLU B 474 -17.08 -15.99 -15.94
N PRO B 475 -16.67 -15.86 -14.68
CA PRO B 475 -15.37 -16.39 -14.27
C PRO B 475 -15.44 -17.86 -13.95
N VAL B 476 -14.45 -18.60 -14.45
CA VAL B 476 -14.33 -20.03 -14.22
C VAL B 476 -13.21 -20.25 -13.20
N ILE B 477 -13.58 -20.76 -12.03
CA ILE B 477 -12.66 -20.97 -10.93
C ILE B 477 -12.56 -22.47 -10.65
N THR B 478 -11.34 -23.00 -10.72
CA THR B 478 -11.08 -24.40 -10.42
C THR B 478 -10.22 -24.48 -9.17
N LEU B 479 -10.68 -25.22 -8.18
CA LEU B 479 -10.00 -25.35 -6.91
C LEU B 479 -9.66 -26.81 -6.65
N SER B 480 -8.42 -27.07 -6.25
CA SER B 480 -8.05 -28.43 -5.86
C SER B 480 -8.82 -28.88 -4.62
N SER B 481 -8.98 -27.98 -3.64
CA SER B 481 -9.74 -28.26 -2.44
C SER B 481 -10.58 -27.03 -2.08
N GLY B 482 -11.69 -27.28 -1.40
CA GLY B 482 -12.57 -26.21 -0.99
C GLY B 482 -13.53 -25.79 -2.08
N GLU B 483 -14.32 -24.76 -1.76
CA GLU B 483 -15.32 -24.23 -2.68
C GLU B 483 -15.30 -22.71 -2.65
N ALA B 484 -15.74 -22.11 -3.75
CA ALA B 484 -15.87 -20.67 -3.88
C ALA B 484 -17.34 -20.31 -3.79
N LYS B 485 -17.70 -19.47 -2.82
CA LYS B 485 -19.11 -19.17 -2.54
C LYS B 485 -19.54 -17.82 -3.08
N GLN B 486 -18.88 -16.74 -2.67
CA GLN B 486 -19.32 -15.39 -3.00
C GLN B 486 -18.49 -14.87 -4.17
N ILE B 487 -18.82 -15.36 -5.36
CA ILE B 487 -18.13 -14.93 -6.58
C ILE B 487 -18.80 -13.66 -7.08
N GLU B 488 -18.04 -12.55 -7.07
CA GLU B 488 -18.55 -11.25 -7.46
C GLU B 488 -17.67 -10.64 -8.54
N ILE B 489 -18.30 -10.01 -9.52
CA ILE B 489 -17.61 -9.29 -10.59
C ILE B 489 -17.94 -7.81 -10.44
N LEU B 490 -16.92 -6.99 -10.24
CA LEU B 490 -17.09 -5.57 -10.03
C LEU B 490 -16.18 -4.79 -10.97
N TYR B 491 -16.61 -3.59 -11.34
CA TYR B 491 -15.88 -2.73 -12.26
C TYR B 491 -15.17 -1.63 -11.49
N ILE B 492 -13.89 -1.42 -11.81
CA ILE B 492 -13.08 -0.39 -11.16
C ILE B 492 -12.81 0.69 -12.20
N GLU B 493 -13.38 1.88 -11.94
CA GLU B 493 -13.19 3.00 -12.87
C GLU B 493 -11.73 3.44 -12.97
N PRO B 494 -11.01 3.71 -11.87
CA PRO B 494 -9.67 4.30 -12.01
C PRO B 494 -8.69 3.46 -12.81
N ILE B 495 -8.76 2.13 -12.71
CA ILE B 495 -7.86 1.26 -13.46
C ILE B 495 -8.52 0.72 -14.73
N ASP B 496 -9.79 1.06 -14.97
CA ASP B 496 -10.53 0.61 -16.16
C ASP B 496 -10.50 -0.91 -16.28
N GLY B 497 -10.65 -1.61 -15.15
CA GLY B 497 -10.61 -3.05 -15.12
C GLY B 497 -11.76 -3.62 -14.30
N TYR B 498 -11.79 -4.94 -14.25
CA TYR B 498 -12.82 -5.68 -13.54
C TYR B 498 -12.19 -6.55 -12.47
N ARG B 499 -12.80 -6.57 -11.28
CA ARG B 499 -12.29 -7.33 -10.16
C ARG B 499 -13.16 -8.57 -9.95
N ILE B 500 -12.52 -9.73 -9.90
CA ILE B 500 -13.19 -10.99 -9.60
C ILE B 500 -12.82 -11.34 -8.16
N GLN B 501 -13.81 -11.30 -7.27
CA GLN B 501 -13.60 -11.57 -5.85
C GLN B 501 -14.45 -12.76 -5.44
N PHE B 502 -13.82 -13.72 -4.76
CA PHE B 502 -14.51 -14.91 -4.27
C PHE B 502 -13.98 -15.26 -2.89
N ASP B 503 -14.80 -15.98 -2.14
CA ASP B 503 -14.44 -16.44 -0.81
C ASP B 503 -14.18 -17.93 -0.84
N TRP B 504 -13.04 -18.35 -0.30
CA TRP B 504 -12.65 -19.75 -0.29
C TRP B 504 -12.97 -20.36 1.07
N TYR B 505 -13.76 -21.42 1.07
CA TYR B 505 -14.12 -22.14 2.28
C TYR B 505 -13.41 -23.47 2.31
N PRO B 506 -12.78 -23.84 3.43
CA PRO B 506 -11.92 -25.03 3.45
C PRO B 506 -12.65 -26.34 3.17
N THR B 507 -13.69 -26.64 3.94
CA THR B 507 -14.43 -27.90 3.87
C THR B 507 -13.51 -29.12 4.03
N SER B 508 -12.35 -28.93 4.64
CA SER B 508 -11.40 -30.00 4.89
C SER B 508 -10.39 -29.52 5.91
N ASP B 509 -9.63 -30.46 6.46
CA ASP B 509 -8.60 -30.17 7.45
C ASP B 509 -7.26 -30.75 7.03
N SER B 510 -7.05 -30.92 5.72
CA SER B 510 -5.83 -31.55 5.22
C SER B 510 -4.64 -30.61 5.16
N THR B 511 -4.87 -29.29 5.30
CA THR B 511 -3.83 -28.25 5.32
C THR B 511 -2.85 -28.34 4.15
N ASP B 512 -3.22 -29.08 3.10
CA ASP B 512 -2.40 -29.20 1.91
C ASP B 512 -2.53 -27.94 1.05
N PRO B 513 -1.52 -27.62 0.26
CA PRO B 513 -1.62 -26.45 -0.61
C PRO B 513 -2.76 -26.58 -1.60
N VAL B 514 -3.43 -25.47 -1.87
CA VAL B 514 -4.60 -25.42 -2.74
C VAL B 514 -4.21 -24.71 -4.03
N ASP B 515 -4.47 -25.36 -5.15
CA ASP B 515 -4.19 -24.81 -6.47
C ASP B 515 -5.47 -24.22 -7.05
N MET B 516 -5.40 -22.95 -7.45
CA MET B 516 -6.54 -22.24 -8.00
C MET B 516 -6.23 -21.75 -9.41
N ARG B 517 -7.20 -21.93 -10.30
CA ARG B 517 -7.11 -21.45 -11.68
C ARG B 517 -8.32 -20.60 -12.00
N MET B 518 -8.09 -19.42 -12.56
CA MET B 518 -9.17 -18.52 -12.94
C MET B 518 -8.93 -17.97 -14.34
N TYR B 519 -9.99 -17.93 -15.13
CA TYR B 519 -9.97 -17.29 -16.44
C TYR B 519 -11.39 -16.86 -16.78
N LEU B 520 -11.51 -15.70 -17.42
CA LEU B 520 -12.81 -15.14 -17.74
C LEU B 520 -13.31 -15.71 -19.07
N ARG B 521 -14.54 -16.21 -19.07
CA ARG B 521 -15.17 -16.83 -20.23
C ARG B 521 -16.52 -16.17 -20.45
N CYS B 522 -16.64 -15.38 -21.52
CA CYS B 522 -17.88 -14.62 -21.75
C CYS B 522 -18.85 -15.38 -22.67
N GLN B 523 -18.46 -15.56 -23.92
CA GLN B 523 -19.28 -16.33 -24.86
C GLN B 523 -18.75 -17.75 -25.05
N GLY B 524 -18.58 -18.48 -23.95
CA GLY B 524 -18.01 -19.81 -24.01
C GLY B 524 -16.59 -19.84 -24.51
N ASP B 525 -15.92 -18.69 -24.55
CA ASP B 525 -14.53 -18.60 -24.96
C ASP B 525 -13.76 -17.72 -23.98
N ALA B 526 -12.49 -18.06 -23.79
CA ALA B 526 -11.66 -17.33 -22.83
C ALA B 526 -11.38 -15.93 -23.34
N ILE B 527 -11.58 -14.93 -22.46
CA ILE B 527 -11.31 -13.54 -22.76
C ILE B 527 -10.23 -12.96 -21.86
N SER B 528 -9.62 -13.80 -21.02
CA SER B 528 -8.56 -13.35 -20.12
C SER B 528 -7.56 -14.48 -19.94
N GLU B 529 -6.34 -14.12 -19.54
CA GLU B 529 -5.32 -15.12 -19.30
C GLU B 529 -5.60 -15.87 -18.00
N THR B 530 -5.07 -17.09 -17.92
CA THR B 530 -5.29 -17.93 -16.75
C THR B 530 -4.55 -17.35 -15.54
N TRP B 531 -5.20 -17.40 -14.39
CA TRP B 531 -4.63 -16.94 -13.13
C TRP B 531 -4.36 -18.17 -12.26
N LEU B 532 -3.07 -18.48 -12.09
CA LEU B 532 -2.65 -19.65 -11.33
C LEU B 532 -2.11 -19.20 -9.98
N TYR B 533 -2.65 -19.77 -8.91
CA TYR B 533 -2.25 -19.39 -7.56
C TYR B 533 -2.15 -20.64 -6.68
N GLN B 534 -1.14 -20.66 -5.82
CA GLN B 534 -0.97 -21.70 -4.83
C GLN B 534 -1.22 -21.09 -3.45
N TYR B 535 -2.21 -21.63 -2.74
CA TYR B 535 -2.63 -21.11 -1.45
C TYR B 535 -2.42 -22.15 -0.38
N PHE B 536 -1.83 -21.74 0.75
CA PHE B 536 -1.56 -22.64 1.85
C PHE B 536 -2.51 -22.32 3.00
N PRO B 537 -3.54 -23.14 3.24
CA PRO B 537 -4.47 -22.83 4.32
C PRO B 537 -3.79 -22.96 5.67
N PRO B 538 -4.24 -22.20 6.68
CA PRO B 538 -3.67 -22.34 8.03
C PRO B 538 -4.04 -23.67 8.66
N ALA B 539 -3.51 -23.93 9.85
CA ALA B 539 -3.86 -25.14 10.56
C ALA B 539 -5.34 -25.10 10.97
N PRO B 540 -5.98 -26.27 11.11
CA PRO B 540 -7.40 -26.27 11.51
C PRO B 540 -7.66 -25.54 12.82
N ASP B 541 -6.74 -25.61 13.77
CA ASP B 541 -6.91 -24.85 15.01
C ASP B 541 -6.67 -23.36 14.80
N LYS B 542 -5.93 -22.98 13.76
CA LYS B 542 -5.66 -21.58 13.46
C LYS B 542 -6.66 -20.98 12.48
N ARG B 543 -7.67 -21.74 12.06
CA ARG B 543 -8.67 -21.22 11.13
C ARG B 543 -9.78 -20.50 11.89
N GLN B 544 -9.38 -19.54 12.73
CA GLN B 544 -10.33 -18.76 13.51
C GLN B 544 -9.65 -17.46 13.93
N TYR B 545 -10.46 -16.51 14.38
CA TYR B 545 -9.98 -15.21 14.82
C TYR B 545 -10.17 -15.09 16.32
N VAL B 546 -9.09 -14.75 17.03
CA VAL B 546 -9.13 -14.54 18.46
C VAL B 546 -9.42 -13.07 18.73
N ASP B 547 -10.34 -12.81 19.66
CA ASP B 547 -10.75 -11.46 20.00
C ASP B 547 -10.58 -11.23 21.49
N ASP B 548 -9.94 -10.13 21.85
CA ASP B 548 -9.77 -9.80 23.25
C ASP B 548 -11.09 -9.42 23.92
N ARG B 549 -12.04 -8.92 23.14
CA ARG B 549 -13.35 -8.55 23.67
C ARG B 549 -14.19 -9.78 23.94
#